data_1GM8
#
_entry.id   1GM8
#
_cell.length_a   51.200
_cell.length_b   131.200
_cell.length_c   63.900
_cell.angle_alpha   90.00
_cell.angle_beta   105.80
_cell.angle_gamma   90.00
#
_symmetry.space_group_name_H-M   'P 1 21 1'
#
loop_
_entity.id
_entity.type
_entity.pdbx_description
1 polymer 'PENICILLIN G ACYLASE ALPHA SUBUNIT'
2 polymer 'PENICILLIN G ACYLASE BETA SUBUNIT'
3 non-polymer 'CALCIUM ION'
4 non-polymer 'N-[(2S,4S,6R)-2-(DIHYDROXYMETHYL)-4-HYDROXY-3,3-DIMETHYL-7-OXO-4LAMBDA~4~-THIA-1-AZABICYCLO[3.2.0]HEPT-6-YL]-2-PHENYLAC ETAMIDE'
5 water water
#
loop_
_entity_poly.entity_id
_entity_poly.type
_entity_poly.pdbx_seq_one_letter_code
_entity_poly.pdbx_strand_id
1 'polypeptide(L)'
;EQSSSEIKIVRDEYGMPHIYANDTWHLFYGYGYVVAQDRLFQMEMARRSTQGTVAEVLGKDFVKFDKDIRRNYWPDAIRA
QIAALSPEDMSILQGYADGMNAWIDKVNTNPETLLPKQFNTFGFTPKRWEPFDVAMIFVGTMANRFSDSTSEIDNLALLT
ALKDKYGVSQGMAVFNQLKWLVNPSAPTTIAVQESNYPLKFNQQNSQTA
;
A
2 'polypeptide(L)'
;SNMWVIGKSKAQDAKAIMVNGPQFGWYAPAYTYGIGLHGAGYDVTGNTPFAYPGLVFGHNGVISWGSTAGFGDDVDIFAE
RLSAEKPGYYLHNGKWVKMLSREETITVKNGQAETFTVWRTVHGNILQTDQTTQTAYAKSRAWDGKEVASLLAWTHQMKA
KNWQEWTQQAAKQALTINWYYADVNGNIGYVHTGAYPDRQSGHDPRLPVPGTGKWDWKGLLPFEMNPKVYNPQSGYIANW
ANSPQKDYPASDLFAFLWGGADRVTEIDRLLEQKPRLTADQAWDVIRQTSRQDLNLRLFLPTLQAATSGLTQSDPRRQLV
ETLTRWDGINLLNDDGKTWQQPGSAILNVWLTSMLKRTVVAAVPMPFDKWYSASGYETTQDGPTGSLNISVGAKILYEAV
QGDKSPIPQAVDLFAGKPQQEVVLAALEDTWETLSKRYGNNVSNWKTPAMALTFRANNFFGVPQAAAEETRHQAEYQNRG
TENDMIVFSPTTSDRPVLAWDVVAPGQSGFIAPDGTVDKHYEDQLKMYENFGRKSLWLTKQDVEAHKESQEVLHVQR
;
B
#
loop_
_chem_comp.id
_chem_comp.type
_chem_comp.name
_chem_comp.formula
CA non-polymer 'CALCIUM ION' 'Ca 2'
SOX non-polymer 'N-[(2S,4S,6R)-2-(DIHYDROXYMETHYL)-4-HYDROXY-3,3-DIMETHYL-7-OXO-4LAMBDA~4~-THIA-1-AZABICYCLO[3.2.0]HEPT-6-YL]-2-PHENYLAC ETAMIDE' 'C16 H20 N2 O5 S'
#
# COMPACT_ATOMS: atom_id res chain seq x y z
N SER A 3 6.21 -12.38 38.16
CA SER A 3 4.89 -12.01 38.74
C SER A 3 4.21 -10.96 37.87
N SER A 4 3.33 -10.18 38.47
CA SER A 4 2.58 -9.12 37.80
C SER A 4 3.49 -8.03 37.24
N SER A 5 4.59 -7.72 37.90
CA SER A 5 5.50 -6.64 37.48
C SER A 5 6.57 -7.06 36.51
N GLU A 6 6.76 -8.36 36.28
CA GLU A 6 7.88 -8.85 35.53
C GLU A 6 7.68 -8.85 34.02
N ILE A 7 8.68 -8.38 33.30
CA ILE A 7 8.65 -8.37 31.83
C ILE A 7 9.98 -8.98 31.37
N LYS A 8 9.88 -10.07 30.61
CA LYS A 8 11.11 -10.68 30.08
C LYS A 8 11.16 -10.39 28.59
N ILE A 9 12.34 -9.94 28.18
CA ILE A 9 12.58 -9.64 26.78
C ILE A 9 13.65 -10.60 26.29
N VAL A 10 13.37 -11.32 25.23
CA VAL A 10 14.39 -12.19 24.67
C VAL A 10 14.62 -11.75 23.23
N ARG A 11 15.87 -11.57 22.78
CA ARG A 11 16.14 -11.26 21.38
C ARG A 11 16.81 -12.45 20.68
N ASP A 12 16.31 -12.81 19.49
CA ASP A 12 16.86 -13.97 18.76
C ASP A 12 18.12 -13.62 18.06
N GLU A 13 18.61 -14.48 17.16
CA GLU A 13 19.86 -14.25 16.49
C GLU A 13 19.81 -13.14 15.45
N TYR A 14 18.63 -12.68 15.04
CA TYR A 14 18.58 -11.52 14.14
C TYR A 14 18.20 -10.31 14.94
N GLY A 15 18.24 -10.41 16.29
CA GLY A 15 17.96 -9.23 17.13
C GLY A 15 16.45 -9.04 17.33
N MET A 16 15.62 -9.92 16.83
CA MET A 16 14.17 -9.78 16.98
C MET A 16 13.75 -10.07 18.43
N PRO A 17 13.05 -9.15 19.05
CA PRO A 17 12.58 -9.19 20.43
C PRO A 17 11.29 -9.98 20.63
N HIS A 18 11.21 -10.75 21.69
CA HIS A 18 10.04 -11.51 22.10
C HIS A 18 9.70 -11.07 23.52
N ILE A 19 8.49 -10.56 23.69
CA ILE A 19 8.11 -10.04 25.01
C ILE A 19 7.33 -11.05 25.78
N TYR A 20 7.64 -11.32 27.04
CA TYR A 20 6.85 -12.13 27.94
C TYR A 20 6.31 -11.26 29.08
N ALA A 21 5.01 -11.18 29.31
CA ALA A 21 4.47 -10.44 30.42
C ALA A 21 3.14 -11.04 30.85
N ASN A 22 2.56 -10.63 31.96
CA ASN A 22 1.35 -11.25 32.49
C ASN A 22 0.10 -10.43 32.35
N ASP A 23 0.16 -9.16 31.90
CA ASP A 23 -1.05 -8.37 31.80
C ASP A 23 -0.86 -7.40 30.62
N THR A 24 -1.97 -6.79 30.21
CA THR A 24 -1.88 -6.02 28.93
C THR A 24 -0.88 -4.88 29.01
N TRP A 25 -0.95 -4.08 30.08
CA TRP A 25 -0.07 -2.93 30.20
C TRP A 25 1.39 -3.33 30.12
N HIS A 26 1.78 -4.41 30.83
CA HIS A 26 3.16 -4.86 30.83
C HIS A 26 3.60 -5.49 29.51
N LEU A 27 2.66 -6.13 28.82
CA LEU A 27 3.04 -6.73 27.53
C LEU A 27 3.42 -5.58 26.59
N PHE A 28 2.47 -4.62 26.47
CA PHE A 28 2.75 -3.50 25.53
C PHE A 28 3.89 -2.58 25.93
N TYR A 29 4.17 -2.43 27.21
CA TYR A 29 5.27 -1.71 27.78
C TYR A 29 6.59 -2.33 27.28
N GLY A 30 6.73 -3.64 27.38
CA GLY A 30 7.93 -4.30 26.83
C GLY A 30 8.10 -4.03 25.33
N TYR A 31 7.05 -4.00 24.56
CA TYR A 31 7.05 -3.80 23.10
C TYR A 31 7.51 -2.37 22.83
N GLY A 32 6.96 -1.41 23.56
CA GLY A 32 7.36 0.00 23.37
C GLY A 32 8.83 0.15 23.81
N TYR A 33 9.23 -0.57 24.88
CA TYR A 33 10.61 -0.45 25.30
C TYR A 33 11.57 -0.92 24.21
N VAL A 34 11.31 -2.12 23.68
CA VAL A 34 12.26 -2.63 22.69
C VAL A 34 12.19 -1.72 21.46
N VAL A 35 11.02 -1.17 21.07
CA VAL A 35 11.01 -0.25 19.90
C VAL A 35 11.94 0.96 20.05
N ALA A 36 11.92 1.53 21.25
CA ALA A 36 12.70 2.67 21.69
C ALA A 36 14.18 2.32 21.62
N GLN A 37 14.50 1.08 21.97
CA GLN A 37 15.90 0.66 21.77
C GLN A 37 16.31 0.55 20.31
N ASP A 38 15.40 -0.05 19.51
CA ASP A 38 15.84 -0.35 18.10
C ASP A 38 15.68 0.73 17.10
N ARG A 39 14.61 1.53 17.28
CA ARG A 39 14.19 2.46 16.23
C ARG A 39 13.86 3.85 16.74
N LEU A 40 14.51 4.32 17.83
CA LEU A 40 14.03 5.60 18.36
C LEU A 40 13.98 6.75 17.36
N PHE A 41 15.06 6.96 16.59
CA PHE A 41 15.05 8.12 15.71
C PHE A 41 13.99 7.97 14.59
N GLN A 42 13.85 6.77 14.10
CA GLN A 42 12.82 6.56 13.02
C GLN A 42 11.45 6.82 13.53
N MET A 43 11.17 6.38 14.80
CA MET A 43 9.87 6.55 15.41
C MET A 43 9.66 8.02 15.74
N GLU A 44 10.69 8.71 16.24
CA GLU A 44 10.53 10.15 16.51
C GLU A 44 10.12 10.84 15.23
N MET A 45 10.87 10.61 14.14
CA MET A 45 10.58 11.19 12.87
C MET A 45 9.24 10.76 12.27
N ALA A 46 8.77 9.53 12.49
CA ALA A 46 7.44 9.11 12.03
C ALA A 46 6.45 9.88 12.89
N ARG A 47 6.73 10.06 14.19
CA ARG A 47 5.78 10.86 14.98
C ARG A 47 5.59 12.29 14.41
N ARG A 48 6.66 12.98 14.11
CA ARG A 48 6.63 14.34 13.58
C ARG A 48 5.96 14.34 12.21
N SER A 49 6.19 13.30 11.41
CA SER A 49 5.58 13.18 10.09
C SER A 49 4.06 13.03 10.28
N THR A 50 3.59 12.21 11.24
CA THR A 50 2.17 12.01 11.37
C THR A 50 1.41 13.13 12.05
N GLN A 51 2.15 14.04 12.69
CA GLN A 51 1.46 15.19 13.37
C GLN A 51 1.88 16.50 12.78
N GLY A 52 2.79 16.46 11.79
CA GLY A 52 3.10 17.74 11.10
C GLY A 52 3.86 18.67 12.04
N THR A 53 4.95 18.17 12.57
CA THR A 53 5.85 18.92 13.43
C THR A 53 7.29 18.72 12.91
N VAL A 54 7.42 18.53 11.57
CA VAL A 54 8.77 18.27 11.03
C VAL A 54 9.64 19.50 10.95
N ALA A 55 9.00 20.60 10.55
CA ALA A 55 9.68 21.89 10.35
C ALA A 55 10.27 22.35 11.71
N GLU A 56 9.69 21.92 12.82
CA GLU A 56 10.23 22.32 14.12
C GLU A 56 11.71 21.89 14.21
N VAL A 57 12.15 20.79 13.60
CA VAL A 57 13.53 20.38 13.73
C VAL A 57 14.24 20.47 12.40
N LEU A 58 13.52 20.42 11.26
CA LEU A 58 14.25 20.37 9.99
C LEU A 58 14.17 21.68 9.26
N GLY A 59 13.29 22.63 9.64
CA GLY A 59 13.37 23.92 8.94
C GLY A 59 12.31 24.12 7.87
N LYS A 60 12.51 25.26 7.18
CA LYS A 60 11.50 25.76 6.25
C LYS A 60 11.06 24.87 5.11
N ASP A 61 11.87 24.00 4.57
CA ASP A 61 11.49 23.11 3.50
C ASP A 61 10.35 22.16 3.87
N PHE A 62 10.06 22.02 5.17
CA PHE A 62 8.98 21.18 5.64
C PHE A 62 7.75 21.89 6.17
N VAL A 63 7.57 23.20 5.97
CA VAL A 63 6.40 23.91 6.43
C VAL A 63 5.11 23.51 5.76
N LYS A 64 5.21 23.49 4.41
CA LYS A 64 4.07 23.12 3.59
C LYS A 64 3.59 21.70 3.95
N PHE A 65 4.53 20.78 4.07
CA PHE A 65 4.22 19.39 4.43
C PHE A 65 3.55 19.35 5.81
N ASP A 66 4.11 20.08 6.79
CA ASP A 66 3.41 20.06 8.12
C ASP A 66 2.01 20.65 8.06
N LYS A 67 1.81 21.72 7.28
CA LYS A 67 0.46 22.29 7.12
C LYS A 67 -0.45 21.25 6.40
N ASP A 68 0.10 20.57 5.40
CA ASP A 68 -0.76 19.60 4.73
C ASP A 68 -1.09 18.44 5.68
N ILE A 69 -0.19 18.07 6.59
CA ILE A 69 -0.63 16.96 7.51
C ILE A 69 -1.73 17.46 8.44
N ARG A 70 -1.55 18.67 9.03
CA ARG A 70 -2.56 19.12 10.02
C ARG A 70 -3.90 19.37 9.41
N ARG A 71 -3.93 19.89 8.17
CA ARG A 71 -5.17 20.06 7.46
C ARG A 71 -5.89 18.77 7.08
N ASN A 72 -5.19 17.66 7.06
CA ASN A 72 -5.83 16.39 6.70
C ASN A 72 -6.40 15.61 7.86
N TYR A 73 -6.36 16.09 9.14
CA TYR A 73 -7.02 15.27 10.15
C TYR A 73 -7.56 16.21 11.23
N TRP A 74 -8.23 15.65 12.20
CA TRP A 74 -8.85 16.45 13.29
C TRP A 74 -8.46 15.79 14.57
N PRO A 75 -7.28 16.13 15.10
CA PRO A 75 -6.68 15.52 16.27
C PRO A 75 -7.58 15.38 17.49
N ASP A 76 -8.39 16.38 17.83
CA ASP A 76 -9.28 16.22 18.97
C ASP A 76 -10.21 15.02 18.81
N ALA A 77 -10.67 14.73 17.58
CA ALA A 77 -11.53 13.56 17.37
C ALA A 77 -10.79 12.29 17.69
N ILE A 78 -9.48 12.23 17.35
CA ILE A 78 -8.75 11.02 17.68
C ILE A 78 -8.67 10.89 19.19
N ARG A 79 -8.40 12.05 19.79
CA ARG A 79 -8.34 12.13 21.27
C ARG A 79 -9.63 11.69 21.90
N ALA A 80 -10.77 12.04 21.33
CA ALA A 80 -12.08 11.68 21.91
C ALA A 80 -12.26 10.17 21.74
N GLN A 81 -11.79 9.52 20.68
CA GLN A 81 -11.82 8.08 20.49
C GLN A 81 -10.95 7.36 21.51
N ILE A 82 -9.78 7.89 21.85
CA ILE A 82 -8.95 7.31 22.91
C ILE A 82 -9.55 7.40 24.33
N ALA A 83 -10.16 8.52 24.71
CA ALA A 83 -10.93 8.73 25.92
C ALA A 83 -12.12 7.80 25.98
N ALA A 84 -12.71 7.26 24.93
CA ALA A 84 -13.82 6.33 24.99
C ALA A 84 -13.33 4.89 25.15
N LEU A 85 -12.01 4.61 25.14
CA LEU A 85 -11.60 3.22 25.27
C LEU A 85 -11.85 2.66 26.67
N SER A 86 -12.11 1.37 26.67
CA SER A 86 -12.20 0.62 27.90
C SER A 86 -10.82 0.64 28.50
N PRO A 87 -10.70 0.29 29.77
CA PRO A 87 -9.42 0.25 30.45
C PRO A 87 -8.48 -0.79 29.85
N GLU A 88 -8.94 -1.96 29.43
CA GLU A 88 -8.10 -2.95 28.78
C GLU A 88 -7.56 -2.41 27.47
N ASP A 89 -8.44 -1.73 26.68
CA ASP A 89 -7.89 -1.24 25.41
C ASP A 89 -6.93 -0.09 25.57
N MET A 90 -7.18 0.78 26.55
CA MET A 90 -6.31 1.94 26.80
C MET A 90 -4.96 1.49 27.30
N SER A 91 -4.92 0.36 28.03
CA SER A 91 -3.66 -0.22 28.53
C SER A 91 -2.74 -0.64 27.38
N ILE A 92 -3.31 -0.94 26.21
CA ILE A 92 -2.42 -1.29 25.06
C ILE A 92 -1.61 -0.05 24.67
N LEU A 93 -2.31 1.07 24.49
CA LEU A 93 -1.62 2.33 24.12
C LEU A 93 -0.87 3.00 25.23
N GLN A 94 -1.39 2.87 26.45
CA GLN A 94 -0.64 3.49 27.59
C GLN A 94 0.60 2.73 27.88
N GLY A 95 0.47 1.39 27.94
CA GLY A 95 1.64 0.52 28.23
C GLY A 95 2.72 0.80 27.15
N TYR A 96 2.32 0.85 25.88
CA TYR A 96 3.29 1.13 24.81
C TYR A 96 3.97 2.48 24.99
N ALA A 97 3.21 3.54 25.22
CA ALA A 97 3.88 4.86 25.44
C ALA A 97 4.78 4.78 26.68
N ASP A 98 4.34 4.17 27.78
CA ASP A 98 5.13 4.15 29.01
C ASP A 98 6.41 3.36 28.82
N GLY A 99 6.39 2.29 28.01
CA GLY A 99 7.63 1.51 27.83
C GLY A 99 8.70 2.31 27.07
N MET A 100 8.24 2.91 25.98
CA MET A 100 9.10 3.79 25.22
C MET A 100 9.74 4.84 26.16
N ASN A 101 8.88 5.47 26.98
CA ASN A 101 9.31 6.53 27.87
C ASN A 101 10.37 6.07 28.87
N ALA A 102 10.28 4.82 29.29
CA ALA A 102 11.24 4.22 30.17
C ALA A 102 12.57 4.21 29.43
N TRP A 103 12.61 3.78 28.16
CA TRP A 103 13.91 3.74 27.50
C TRP A 103 14.32 5.17 27.16
N ILE A 104 13.42 6.01 26.73
CA ILE A 104 13.81 7.42 26.38
C ILE A 104 14.40 8.09 27.63
N ASP A 105 13.79 7.86 28.82
CA ASP A 105 14.30 8.45 30.06
C ASP A 105 15.73 7.97 30.29
N LYS A 106 16.05 6.71 30.04
CA LYS A 106 17.43 6.28 30.19
C LYS A 106 18.36 6.93 29.15
N VAL A 107 17.82 7.14 27.91
CA VAL A 107 18.65 7.76 26.88
C VAL A 107 19.02 9.17 27.30
N ASN A 108 18.07 10.00 27.75
CA ASN A 108 18.43 11.39 28.07
C ASN A 108 19.21 11.53 29.40
N THR A 109 19.32 10.51 30.21
CA THR A 109 20.10 10.52 31.43
C THR A 109 21.56 10.14 31.10
N ASN A 110 21.85 9.36 30.06
CA ASN A 110 23.17 8.96 29.63
C ASN A 110 23.29 9.07 28.10
N PRO A 111 23.23 10.29 27.62
CA PRO A 111 23.14 10.51 26.16
C PRO A 111 24.42 10.19 25.48
N GLU A 112 25.52 10.34 26.28
CA GLU A 112 26.85 10.11 25.77
C GLU A 112 27.05 8.68 25.30
N THR A 113 26.37 7.69 25.87
CA THR A 113 26.54 6.37 25.23
C THR A 113 25.23 5.90 24.61
N LEU A 114 24.07 6.46 25.02
CA LEU A 114 22.84 5.84 24.57
C LEU A 114 22.10 6.62 23.54
N LEU A 115 22.46 7.88 23.26
CA LEU A 115 21.52 8.60 22.35
C LEU A 115 21.77 8.28 20.90
N PRO A 116 20.79 7.87 20.09
CA PRO A 116 21.06 7.58 18.71
C PRO A 116 21.84 8.76 18.10
N LYS A 117 22.84 8.43 17.30
CA LYS A 117 23.71 9.45 16.66
C LYS A 117 22.96 10.47 15.84
N GLN A 118 21.87 10.03 15.19
CA GLN A 118 21.06 10.89 14.39
C GLN A 118 20.56 12.06 15.20
N PHE A 119 20.25 11.91 16.48
CA PHE A 119 19.81 13.01 17.34
C PHE A 119 20.86 14.12 17.34
N ASN A 120 22.12 13.73 17.41
CA ASN A 120 23.24 14.67 17.43
C ASN A 120 23.40 15.27 16.05
N THR A 121 23.23 14.50 14.99
CA THR A 121 23.33 15.02 13.63
C THR A 121 22.27 16.07 13.39
N PHE A 122 21.00 15.80 13.72
CA PHE A 122 19.96 16.76 13.37
C PHE A 122 19.70 17.79 14.42
N GLY A 123 20.44 17.72 15.52
CA GLY A 123 20.41 18.71 16.56
C GLY A 123 19.27 18.84 17.51
N PHE A 124 18.82 17.70 18.03
CA PHE A 124 17.72 17.77 19.00
C PHE A 124 17.64 16.46 19.79
N THR A 125 16.87 16.44 20.90
CA THR A 125 16.78 15.23 21.72
C THR A 125 15.30 14.86 21.85
N PRO A 126 15.02 13.61 22.04
CA PRO A 126 13.69 13.00 22.06
C PRO A 126 12.95 13.34 23.35
N LYS A 127 11.67 13.50 23.25
CA LYS A 127 10.78 13.77 24.37
C LYS A 127 9.90 12.52 24.54
N ARG A 128 9.18 12.43 25.63
CA ARG A 128 8.39 11.28 26.01
C ARG A 128 7.16 11.20 25.08
N TRP A 129 6.48 10.05 25.15
CA TRP A 129 5.32 9.81 24.30
C TRP A 129 4.05 9.64 25.10
N GLU A 130 2.88 9.89 24.54
CA GLU A 130 1.62 9.53 25.26
C GLU A 130 0.83 8.66 24.31
N PRO A 131 -0.26 8.02 24.77
CA PRO A 131 -1.19 7.26 24.00
C PRO A 131 -1.59 7.83 22.66
N PHE A 132 -1.92 9.09 22.55
CA PHE A 132 -2.26 9.78 21.32
C PHE A 132 -1.14 9.66 20.27
N ASP A 133 0.13 9.78 20.70
CA ASP A 133 1.24 9.71 19.80
C ASP A 133 1.40 8.30 19.16
N VAL A 134 1.23 7.28 19.99
CA VAL A 134 1.28 5.88 19.49
C VAL A 134 0.15 5.62 18.50
N ALA A 135 -1.08 6.04 18.88
CA ALA A 135 -2.21 5.92 18.00
C ALA A 135 -1.98 6.67 16.71
N MET A 136 -1.36 7.86 16.71
CA MET A 136 -1.20 8.63 15.47
C MET A 136 -0.15 8.06 14.53
N ILE A 137 0.82 7.34 15.09
CA ILE A 137 1.77 6.65 14.19
C ILE A 137 0.93 5.78 13.23
N PHE A 138 -0.06 5.07 13.80
CA PHE A 138 -0.93 4.19 13.02
C PHE A 138 -1.88 5.05 12.20
N VAL A 139 -2.63 5.93 12.88
CA VAL A 139 -3.62 6.73 12.15
C VAL A 139 -2.96 7.52 11.03
N GLY A 140 -1.77 8.06 11.32
CA GLY A 140 -1.16 9.00 10.32
C GLY A 140 -0.57 8.21 9.19
N THR A 141 -0.41 6.87 9.32
CA THR A 141 0.18 6.17 8.19
C THR A 141 -0.96 5.42 7.54
N MET A 142 -1.36 4.30 8.13
CA MET A 142 -2.41 3.50 7.59
C MET A 142 -3.69 4.20 7.18
N ALA A 143 -4.25 5.01 8.07
CA ALA A 143 -5.51 5.67 7.71
C ALA A 143 -5.31 6.90 6.84
N ASN A 144 -4.76 7.95 7.45
CA ASN A 144 -4.66 9.28 6.81
C ASN A 144 -3.75 9.29 5.60
N ARG A 145 -3.01 8.23 5.36
CA ARG A 145 -2.25 8.12 4.13
C ARG A 145 -2.66 6.91 3.34
N PHE A 146 -2.64 5.68 3.81
CA PHE A 146 -2.99 4.53 2.93
C PHE A 146 -4.44 4.17 2.69
N SER A 147 -5.38 4.82 3.38
CA SER A 147 -6.80 4.50 3.16
C SER A 147 -7.54 5.82 2.90
N ASP A 148 -6.86 6.80 2.34
CA ASP A 148 -7.45 8.14 2.19
C ASP A 148 -7.31 8.61 0.74
N SER A 149 -7.66 7.88 -0.29
CA SER A 149 -7.34 8.36 -1.65
C SER A 149 -8.64 8.69 -2.40
N THR A 150 -8.71 9.89 -2.92
CA THR A 150 -9.78 10.39 -3.73
C THR A 150 -9.18 11.38 -4.76
N SER A 151 -9.73 11.40 -6.00
CA SER A 151 -9.24 12.43 -6.95
C SER A 151 -10.52 13.02 -7.51
N GLU A 152 -11.63 12.98 -6.73
CA GLU A 152 -12.90 13.42 -7.33
C GLU A 152 -12.92 14.84 -7.92
N ILE A 153 -12.23 15.84 -7.40
CA ILE A 153 -12.27 17.21 -7.93
C ILE A 153 -11.54 17.22 -9.28
N ASP A 154 -10.42 16.51 -9.32
CA ASP A 154 -9.76 16.34 -10.65
C ASP A 154 -10.66 15.55 -11.57
N ASN A 155 -11.33 14.46 -11.12
CA ASN A 155 -12.22 13.76 -12.03
C ASN A 155 -13.26 14.68 -12.67
N LEU A 156 -13.87 15.51 -11.79
CA LEU A 156 -14.89 16.42 -12.30
C LEU A 156 -14.29 17.42 -13.30
N ALA A 157 -13.05 17.90 -13.04
CA ALA A 157 -12.41 18.76 -14.05
C ALA A 157 -12.16 17.96 -15.33
N LEU A 158 -11.80 16.65 -15.28
CA LEU A 158 -11.63 15.87 -16.51
C LEU A 158 -12.93 15.68 -17.27
N LEU A 159 -14.01 15.35 -16.57
CA LEU A 159 -15.33 15.16 -17.17
C LEU A 159 -15.74 16.48 -17.83
N THR A 160 -15.48 17.63 -17.19
CA THR A 160 -15.84 18.94 -17.73
C THR A 160 -15.12 19.17 -19.05
N ALA A 161 -13.82 18.87 -19.07
CA ALA A 161 -13.07 19.06 -20.33
C ALA A 161 -13.53 18.07 -21.39
N LEU A 162 -13.96 16.86 -20.96
CA LEU A 162 -14.40 15.86 -21.91
C LEU A 162 -15.72 16.29 -22.57
N LYS A 163 -16.62 16.83 -21.76
CA LYS A 163 -17.90 17.32 -22.26
C LYS A 163 -17.65 18.57 -23.12
N ASP A 164 -16.69 19.39 -22.77
CA ASP A 164 -16.35 20.52 -23.64
C ASP A 164 -15.76 19.98 -24.92
N LYS A 165 -14.92 18.94 -24.94
CA LYS A 165 -14.39 18.51 -26.24
C LYS A 165 -15.36 17.67 -27.06
N TYR A 166 -16.13 16.76 -26.53
CA TYR A 166 -16.99 15.86 -27.22
C TYR A 166 -18.47 16.13 -27.06
N GLY A 167 -18.88 17.09 -26.23
CA GLY A 167 -20.35 17.30 -26.06
C GLY A 167 -20.76 16.58 -24.75
N VAL A 168 -21.95 16.85 -24.25
CA VAL A 168 -22.39 16.26 -23.00
C VAL A 168 -22.43 14.74 -22.94
N SER A 169 -23.17 14.13 -23.85
CA SER A 169 -23.34 12.69 -23.86
C SER A 169 -22.04 11.99 -24.22
N GLN A 170 -21.34 12.46 -25.23
CA GLN A 170 -20.12 11.70 -25.65
C GLN A 170 -19.03 11.97 -24.62
N GLY A 171 -19.03 13.18 -24.08
CA GLY A 171 -18.09 13.50 -23.03
C GLY A 171 -18.24 12.50 -21.89
N MET A 172 -19.47 12.27 -21.42
CA MET A 172 -19.75 11.36 -20.32
C MET A 172 -19.45 9.93 -20.71
N ALA A 173 -19.70 9.51 -21.94
CA ALA A 173 -19.37 8.09 -22.34
C ALA A 173 -17.84 7.97 -22.46
N VAL A 174 -17.16 9.01 -22.89
CA VAL A 174 -15.67 8.94 -22.92
C VAL A 174 -15.13 8.93 -21.46
N PHE A 175 -15.76 9.65 -20.55
CA PHE A 175 -15.34 9.53 -19.16
C PHE A 175 -15.54 8.09 -18.74
N ASN A 176 -16.60 7.39 -19.12
CA ASN A 176 -16.84 6.01 -18.73
C ASN A 176 -15.91 5.02 -19.47
N GLN A 177 -15.25 5.50 -20.53
CA GLN A 177 -14.26 4.64 -21.21
C GLN A 177 -12.89 4.73 -20.55
N LEU A 178 -12.52 5.87 -20.00
CA LEU A 178 -11.24 6.12 -19.37
C LEU A 178 -11.22 5.80 -17.89
N LYS A 179 -12.36 5.98 -17.25
CA LYS A 179 -12.41 5.79 -15.79
C LYS A 179 -13.70 5.03 -15.56
N TRP A 180 -13.74 3.76 -16.07
CA TRP A 180 -15.02 3.05 -15.87
C TRP A 180 -15.30 2.83 -14.38
N LEU A 181 -16.58 2.73 -14.09
CA LEU A 181 -17.01 2.47 -12.70
C LEU A 181 -16.63 1.03 -12.36
N VAL A 182 -17.02 0.09 -13.20
CA VAL A 182 -16.70 -1.31 -13.12
C VAL A 182 -16.38 -1.85 -14.53
N ASN A 183 -15.58 -2.88 -14.59
CA ASN A 183 -15.17 -3.58 -15.83
C ASN A 183 -15.27 -5.06 -15.49
N PRO A 184 -16.22 -5.75 -16.11
CA PRO A 184 -16.49 -7.13 -15.89
C PRO A 184 -15.34 -7.98 -16.28
N SER A 185 -14.40 -7.53 -17.12
CA SER A 185 -13.33 -8.49 -17.42
C SER A 185 -12.25 -8.36 -16.34
N ALA A 186 -12.34 -7.50 -15.31
CA ALA A 186 -11.27 -7.49 -14.28
C ALA A 186 -11.07 -8.79 -13.53
N PRO A 187 -9.86 -9.30 -13.41
CA PRO A 187 -9.52 -10.51 -12.65
C PRO A 187 -9.85 -10.22 -11.19
N THR A 188 -10.69 -11.04 -10.55
CA THR A 188 -11.12 -10.73 -9.19
C THR A 188 -10.53 -11.71 -8.22
N THR A 189 -10.15 -11.29 -7.00
CA THR A 189 -9.64 -12.21 -6.01
C THR A 189 -10.62 -13.33 -5.67
N ILE A 190 -11.90 -13.03 -5.68
CA ILE A 190 -12.97 -14.05 -5.46
C ILE A 190 -13.56 -14.33 -6.85
N ALA A 191 -13.57 -15.61 -7.17
CA ALA A 191 -14.06 -16.01 -8.50
C ALA A 191 -15.55 -15.76 -8.63
N VAL A 192 -16.10 -15.46 -9.80
CA VAL A 192 -17.51 -15.21 -9.95
C VAL A 192 -18.39 -16.34 -9.43
N GLN A 193 -17.99 -17.61 -9.55
CA GLN A 193 -18.80 -18.72 -9.05
C GLN A 193 -19.03 -18.63 -7.53
N GLU A 194 -18.10 -18.05 -6.77
CA GLU A 194 -18.30 -17.91 -5.34
C GLU A 194 -19.37 -16.87 -5.11
N SER A 195 -19.27 -15.70 -5.77
CA SER A 195 -20.22 -14.63 -5.44
C SER A 195 -19.88 -13.37 -6.21
N ASN A 196 -20.76 -12.41 -6.25
CA ASN A 196 -20.49 -11.16 -6.96
C ASN A 196 -21.09 -10.07 -6.06
N TYR A 197 -20.61 -8.85 -6.13
CA TYR A 197 -21.08 -7.72 -5.32
C TYR A 197 -22.45 -7.34 -5.82
N PRO A 198 -23.37 -7.18 -4.91
CA PRO A 198 -24.78 -7.09 -5.34
C PRO A 198 -25.19 -5.69 -5.66
N LEU A 199 -24.34 -4.70 -5.42
CA LEU A 199 -24.86 -3.32 -5.69
C LEU A 199 -24.52 -2.81 -7.06
N LYS A 200 -25.44 -2.00 -7.58
CA LYS A 200 -25.22 -1.35 -8.89
C LYS A 200 -25.07 0.15 -8.71
N PHE A 201 -24.12 0.86 -9.33
CA PHE A 201 -23.93 2.27 -9.04
C PHE A 201 -24.31 3.15 -10.23
N ASN A 202 -24.69 4.40 -9.92
CA ASN A 202 -24.89 5.36 -10.97
C ASN A 202 -23.56 5.67 -11.66
N GLN A 203 -23.61 5.85 -12.97
CA GLN A 203 -22.40 6.04 -13.75
C GLN A 203 -22.64 7.14 -14.78
N GLN A 204 -23.51 8.13 -14.36
CA GLN A 204 -23.66 9.29 -15.20
C GLN A 204 -23.68 10.56 -14.37
N ASN A 205 -23.06 10.57 -13.17
CA ASN A 205 -23.00 11.79 -12.40
C ASN A 205 -24.40 12.29 -12.09
N SER A 206 -25.38 11.42 -11.83
CA SER A 206 -26.73 11.91 -11.54
C SER A 206 -26.92 12.65 -10.22
N GLN A 207 -25.88 12.77 -9.33
CA GLN A 207 -26.07 13.65 -8.17
C GLN A 207 -26.31 15.09 -8.60
N THR A 208 -25.80 15.50 -9.75
CA THR A 208 -26.09 16.87 -10.18
C THR A 208 -27.09 16.86 -11.35
N ALA A 209 -27.75 15.75 -11.68
CA ALA A 209 -28.68 15.83 -12.82
C ALA A 209 -29.79 16.88 -12.49
N SER B 1 1.12 -4.22 -3.68
CA SER B 1 1.30 -5.24 -2.58
C SER B 1 0.68 -6.57 -3.03
N ASN B 2 1.37 -7.68 -2.78
CA ASN B 2 0.75 -8.93 -3.19
C ASN B 2 0.69 -9.93 -2.05
N MET B 3 -0.12 -10.91 -2.40
CA MET B 3 -0.38 -12.03 -1.50
C MET B 3 -0.94 -13.25 -2.26
N TRP B 4 -0.49 -14.43 -1.81
CA TRP B 4 -1.09 -15.63 -2.37
C TRP B 4 -1.24 -16.57 -1.18
N VAL B 5 -2.47 -17.06 -1.01
CA VAL B 5 -2.77 -18.01 0.07
C VAL B 5 -3.16 -19.31 -0.62
N ILE B 6 -2.48 -20.41 -0.28
CA ILE B 6 -2.73 -21.69 -0.99
C ILE B 6 -3.44 -22.65 -0.03
N GLY B 7 -4.66 -23.07 -0.32
CA GLY B 7 -5.39 -23.87 0.69
C GLY B 7 -5.02 -25.36 0.48
N LYS B 8 -5.74 -26.17 1.28
CA LYS B 8 -5.55 -27.60 1.34
C LYS B 8 -5.48 -28.33 0.00
N SER B 9 -6.46 -28.04 -0.87
CA SER B 9 -6.50 -28.64 -2.19
C SER B 9 -5.45 -28.13 -3.14
N LYS B 10 -4.60 -27.13 -2.87
CA LYS B 10 -3.60 -26.71 -3.81
C LYS B 10 -2.18 -26.86 -3.28
N ALA B 11 -2.07 -27.16 -1.97
CA ALA B 11 -0.81 -27.22 -1.33
C ALA B 11 -0.24 -28.66 -1.41
N GLN B 12 1.07 -28.65 -1.48
CA GLN B 12 1.82 -29.91 -1.49
C GLN B 12 2.62 -30.10 -0.21
N ASP B 13 2.53 -31.28 0.42
CA ASP B 13 3.32 -31.48 1.65
C ASP B 13 2.97 -30.50 2.78
N ALA B 14 1.76 -29.98 2.84
CA ALA B 14 1.31 -29.00 3.81
C ALA B 14 -0.19 -28.81 3.59
N LYS B 15 -0.97 -28.29 4.58
CA LYS B 15 -2.38 -28.08 4.33
C LYS B 15 -2.67 -26.64 3.87
N ALA B 16 -1.75 -25.70 4.14
CA ALA B 16 -1.94 -24.33 3.67
C ALA B 16 -0.61 -23.61 3.77
N ILE B 17 -0.49 -22.64 2.87
CA ILE B 17 0.65 -21.77 2.69
C ILE B 17 0.20 -20.34 2.36
N MET B 18 0.64 -19.37 3.06
CA MET B 18 0.42 -17.93 2.92
C MET B 18 1.79 -17.27 2.71
N VAL B 19 1.87 -16.52 1.61
CA VAL B 19 3.04 -15.77 1.21
C VAL B 19 2.61 -14.31 0.97
N ASN B 20 3.17 -13.40 1.73
CA ASN B 20 2.68 -12.00 1.57
C ASN B 20 3.82 -11.09 1.14
N GLY B 21 3.50 -10.12 0.29
CA GLY B 21 4.54 -9.18 -0.16
C GLY B 21 4.03 -7.75 -0.23
N PRO B 22 3.82 -7.14 0.93
CA PRO B 22 3.23 -5.81 1.11
C PRO B 22 4.27 -4.82 0.56
N GLN B 23 3.77 -3.93 -0.32
CA GLN B 23 4.74 -3.01 -0.99
C GLN B 23 4.46 -1.59 -0.57
N PHE B 24 5.41 -1.08 0.21
CA PHE B 24 5.26 0.29 0.69
C PHE B 24 6.45 1.13 0.21
N GLY B 25 7.34 0.58 -0.63
CA GLY B 25 8.57 1.33 -0.99
C GLY B 25 9.67 0.77 -0.05
N TRP B 26 10.93 1.21 -0.15
CA TRP B 26 12.05 0.63 0.56
C TRP B 26 12.85 1.72 1.26
N TYR B 27 13.09 1.47 2.57
CA TYR B 27 13.60 2.39 3.50
C TYR B 27 14.68 1.86 4.45
N ALA B 28 15.47 2.81 4.92
CA ALA B 28 16.50 2.56 5.93
C ALA B 28 16.31 3.53 7.07
N PRO B 29 16.14 3.04 8.24
CA PRO B 29 15.97 1.65 8.63
C PRO B 29 14.63 1.05 8.15
N ALA B 30 14.39 -0.26 8.32
CA ALA B 30 13.34 -1.06 7.84
C ALA B 30 11.97 -0.45 8.08
N TYR B 31 11.12 -0.56 7.00
CA TYR B 31 9.75 -0.08 7.14
C TYR B 31 8.98 -0.83 8.22
N THR B 32 9.28 -2.14 8.34
CA THR B 32 8.55 -2.95 9.31
C THR B 32 9.54 -3.25 10.44
N TYR B 33 8.96 -3.87 11.46
CA TYR B 33 9.59 -4.11 12.75
C TYR B 33 9.22 -5.51 13.26
N GLY B 34 10.19 -6.40 13.50
CA GLY B 34 9.95 -7.76 13.94
C GLY B 34 9.68 -7.82 15.45
N ILE B 35 8.66 -8.56 15.86
CA ILE B 35 8.25 -8.56 17.25
C ILE B 35 7.45 -9.83 17.58
N GLY B 36 7.68 -10.35 18.77
CA GLY B 36 6.92 -11.52 19.27
C GLY B 36 6.35 -11.08 20.64
N LEU B 37 5.10 -11.36 20.89
CA LEU B 37 4.38 -10.91 22.07
C LEU B 37 3.76 -12.14 22.76
N HIS B 38 4.04 -12.42 24.03
CA HIS B 38 3.59 -13.65 24.64
C HIS B 38 3.08 -13.35 26.06
N GLY B 39 1.77 -13.47 26.27
CA GLY B 39 1.11 -13.21 27.53
C GLY B 39 -0.13 -12.36 27.31
N ALA B 40 -0.99 -12.25 28.35
CA ALA B 40 -2.15 -11.40 28.33
C ALA B 40 -3.01 -11.82 27.14
N GLY B 41 -3.02 -13.10 26.82
CA GLY B 41 -3.94 -13.62 25.80
C GLY B 41 -3.22 -13.72 24.43
N TYR B 42 -2.04 -13.09 24.29
CA TYR B 42 -1.36 -13.13 23.00
C TYR B 42 -0.36 -14.28 22.91
N ASP B 43 -0.14 -14.80 21.70
CA ASP B 43 1.05 -15.65 21.51
C ASP B 43 1.38 -15.50 20.04
N VAL B 44 2.16 -14.47 19.65
CA VAL B 44 2.24 -14.20 18.19
C VAL B 44 3.66 -13.90 17.80
N THR B 45 3.92 -13.97 16.52
CA THR B 45 5.23 -13.65 15.94
C THR B 45 5.01 -13.13 14.51
N GLY B 46 5.85 -12.19 14.09
CA GLY B 46 5.79 -11.64 12.74
C GLY B 46 6.50 -10.33 12.66
N ASN B 47 6.12 -9.45 11.74
CA ASN B 47 6.69 -8.10 11.70
C ASN B 47 5.56 -7.11 11.33
N THR B 48 5.72 -5.79 11.53
CA THR B 48 4.59 -4.91 11.27
C THR B 48 5.15 -3.52 11.08
N PRO B 49 4.47 -2.76 10.25
CA PRO B 49 4.91 -1.41 9.90
C PRO B 49 4.99 -0.50 11.11
N PHE B 50 6.10 0.25 11.21
CA PHE B 50 6.24 1.27 12.24
C PHE B 50 5.97 0.70 13.64
N ALA B 51 6.17 -0.59 13.87
CA ALA B 51 5.90 -1.26 15.14
C ALA B 51 4.55 -0.90 15.73
N TYR B 52 3.48 -0.97 14.94
CA TYR B 52 2.13 -0.83 15.49
C TYR B 52 1.90 -1.90 16.53
N PRO B 53 1.11 -1.59 17.54
CA PRO B 53 0.64 -2.62 18.50
C PRO B 53 0.16 -3.88 17.81
N GLY B 54 -0.61 -3.77 16.71
CA GLY B 54 -1.17 -4.93 16.02
C GLY B 54 -0.19 -5.43 14.99
N LEU B 55 0.15 -6.74 14.98
CA LEU B 55 1.04 -7.10 13.87
C LEU B 55 0.28 -7.27 12.55
N VAL B 56 0.71 -6.60 11.48
CA VAL B 56 -0.04 -6.75 10.21
C VAL B 56 0.30 -8.06 9.56
N PHE B 57 1.50 -8.60 9.77
CA PHE B 57 2.03 -9.78 9.15
C PHE B 57 2.50 -10.77 10.18
N GLY B 58 1.77 -11.91 10.33
CA GLY B 58 2.26 -12.84 11.35
C GLY B 58 1.29 -13.99 11.60
N HIS B 59 1.56 -14.67 12.72
CA HIS B 59 0.72 -15.80 13.09
C HIS B 59 0.80 -16.12 14.57
N ASN B 60 -0.21 -16.91 15.00
CA ASN B 60 -0.25 -17.21 16.41
C ASN B 60 -0.16 -18.71 16.66
N GLY B 61 0.28 -19.53 15.68
CA GLY B 61 0.44 -20.95 16.06
C GLY B 61 -0.85 -21.69 15.69
N VAL B 62 -1.95 -20.96 15.44
CA VAL B 62 -3.19 -21.59 15.06
C VAL B 62 -3.64 -21.04 13.70
N ILE B 63 -3.60 -19.69 13.58
CA ILE B 63 -3.92 -19.02 12.33
C ILE B 63 -2.82 -18.05 11.91
N SER B 64 -2.86 -17.61 10.63
CA SER B 64 -1.92 -16.60 10.19
C SER B 64 -2.71 -15.52 9.47
N TRP B 65 -2.11 -14.32 9.31
CA TRP B 65 -2.84 -13.24 8.70
C TRP B 65 -1.91 -12.37 7.84
N GLY B 66 -2.55 -11.60 6.98
CA GLY B 66 -1.67 -10.64 6.22
C GLY B 66 -2.59 -9.62 5.55
N SER B 67 -2.00 -8.63 4.88
CA SER B 67 -2.84 -7.61 4.29
C SER B 67 -2.31 -7.20 2.92
N THR B 68 -3.18 -6.62 2.11
CA THR B 68 -2.70 -5.82 0.96
C THR B 68 -3.66 -4.60 0.96
N ALA B 69 -3.26 -3.55 0.28
CA ALA B 69 -4.05 -2.32 0.21
C ALA B 69 -5.39 -2.66 -0.49
N GLY B 70 -6.48 -2.21 0.10
CA GLY B 70 -7.82 -2.50 -0.46
C GLY B 70 -8.16 -1.80 -1.71
N PHE B 71 -7.91 -0.47 -1.75
CA PHE B 71 -8.28 0.37 -2.85
C PHE B 71 -9.80 0.32 -3.14
N GLY B 72 -10.70 0.09 -2.19
CA GLY B 72 -12.13 0.32 -2.40
C GLY B 72 -12.38 1.85 -2.34
N ASP B 73 -13.53 2.30 -2.82
CA ASP B 73 -13.83 3.73 -2.76
C ASP B 73 -14.56 4.03 -1.44
N ASP B 74 -13.77 4.43 -0.42
CA ASP B 74 -14.37 4.72 0.88
C ASP B 74 -14.31 6.23 1.16
N VAL B 75 -14.00 7.02 0.11
CA VAL B 75 -13.83 8.45 0.26
C VAL B 75 -14.71 9.24 -0.65
N ASP B 76 -15.53 10.22 -0.39
CA ASP B 76 -16.22 11.03 -1.35
C ASP B 76 -16.03 12.51 -0.89
N ILE B 77 -16.12 13.36 -1.90
CA ILE B 77 -16.05 14.79 -1.69
C ILE B 77 -17.42 15.46 -1.78
N PHE B 78 -17.65 16.23 -0.73
CA PHE B 78 -18.90 17.03 -0.73
C PHE B 78 -18.64 18.49 -1.04
N ALA B 79 -19.34 19.03 -2.03
CA ALA B 79 -19.23 20.42 -2.44
C ALA B 79 -20.12 21.24 -1.50
N GLU B 80 -19.53 21.91 -0.48
CA GLU B 80 -20.37 22.67 0.44
C GLU B 80 -20.80 24.02 -0.11
N ARG B 81 -22.01 24.46 0.19
CA ARG B 81 -22.53 25.70 -0.34
C ARG B 81 -22.24 26.83 0.63
N LEU B 82 -21.37 27.77 0.19
CA LEU B 82 -21.01 28.84 1.08
C LEU B 82 -21.84 30.13 0.85
N SER B 83 -21.63 31.10 1.75
CA SER B 83 -22.27 32.40 1.37
C SER B 83 -21.32 33.53 1.80
N ALA B 84 -21.13 34.48 0.90
CA ALA B 84 -20.31 35.65 1.17
C ALA B 84 -20.96 36.45 2.31
N GLU B 85 -22.27 36.51 2.47
CA GLU B 85 -22.80 37.15 3.68
C GLU B 85 -22.39 36.48 4.98
N LYS B 86 -22.17 35.13 5.10
CA LYS B 86 -22.00 34.48 6.40
C LYS B 86 -20.74 33.60 6.28
N PRO B 87 -19.62 34.25 6.37
CA PRO B 87 -18.31 33.61 6.22
C PRO B 87 -18.13 32.58 7.30
N GLY B 88 -17.77 31.35 6.95
CA GLY B 88 -17.57 30.36 8.03
C GLY B 88 -18.80 29.51 8.27
N TYR B 89 -19.82 29.62 7.44
CA TYR B 89 -21.04 28.85 7.56
C TYR B 89 -21.24 28.10 6.23
N TYR B 90 -22.10 27.08 6.27
CA TYR B 90 -22.46 26.45 5.00
C TYR B 90 -23.89 25.99 5.19
N LEU B 91 -24.59 25.78 4.09
CA LEU B 91 -26.00 25.39 4.10
C LEU B 91 -26.18 23.89 4.20
N HIS B 92 -26.87 23.36 5.20
CA HIS B 92 -27.05 21.91 5.34
C HIS B 92 -28.45 21.63 5.92
N ASN B 93 -29.26 20.80 5.27
CA ASN B 93 -30.65 20.58 5.65
C ASN B 93 -31.39 21.89 5.93
N GLY B 94 -31.32 22.84 4.99
CA GLY B 94 -32.01 24.08 5.09
C GLY B 94 -31.58 25.17 6.05
N LYS B 95 -30.55 24.95 6.84
CA LYS B 95 -30.02 25.93 7.79
C LYS B 95 -28.57 26.29 7.48
N TRP B 96 -28.15 27.51 7.81
CA TRP B 96 -26.77 27.92 7.65
C TRP B 96 -26.02 27.36 8.87
N VAL B 97 -25.02 26.49 8.64
CA VAL B 97 -24.46 25.81 9.81
C VAL B 97 -23.05 26.33 10.00
N LYS B 98 -22.63 26.41 11.27
CA LYS B 98 -21.32 26.97 11.51
C LYS B 98 -20.24 25.91 11.28
N MET B 99 -19.21 26.23 10.53
CA MET B 99 -18.08 25.36 10.34
C MET B 99 -17.36 25.24 11.68
N LEU B 100 -16.85 24.04 11.97
CA LEU B 100 -15.91 23.89 13.07
C LEU B 100 -14.56 24.44 12.66
N SER B 101 -13.70 25.09 13.51
CA SER B 101 -12.38 25.41 12.98
C SER B 101 -11.34 25.36 14.08
N ARG B 102 -10.04 25.34 13.77
CA ARG B 102 -9.01 25.35 14.77
C ARG B 102 -7.78 26.04 14.18
N GLU B 103 -6.99 26.72 15.03
CA GLU B 103 -5.82 27.40 14.56
C GLU B 103 -4.64 26.47 14.82
N GLU B 104 -3.69 26.59 13.92
CA GLU B 104 -2.49 25.76 14.13
C GLU B 104 -1.30 26.68 13.84
N THR B 105 -0.25 26.52 14.62
CA THR B 105 0.99 27.29 14.37
C THR B 105 2.07 26.29 14.09
N ILE B 106 2.67 26.36 12.91
CA ILE B 106 3.84 25.62 12.55
C ILE B 106 5.10 26.30 13.07
N THR B 107 5.78 25.70 14.04
CA THR B 107 7.05 26.23 14.52
C THR B 107 8.11 25.84 13.52
N VAL B 108 9.11 26.65 13.24
CA VAL B 108 10.08 26.39 12.17
C VAL B 108 11.52 26.54 12.68
N LYS B 109 12.32 25.51 12.57
CA LYS B 109 13.75 25.63 13.00
C LYS B 109 14.38 26.74 12.16
N ASN B 110 15.01 27.73 12.79
CA ASN B 110 15.67 28.84 12.12
C ASN B 110 14.80 29.57 11.10
N GLY B 111 13.56 29.79 11.41
CA GLY B 111 12.64 30.48 10.49
C GLY B 111 11.53 30.98 11.39
N GLN B 112 10.55 31.60 10.75
CA GLN B 112 9.44 32.23 11.46
C GLN B 112 8.23 31.31 11.49
N ALA B 113 7.49 31.29 12.60
CA ALA B 113 6.40 30.34 12.66
C ALA B 113 5.25 30.76 11.77
N GLU B 114 4.42 29.81 11.35
CA GLU B 114 3.26 30.30 10.53
C GLU B 114 1.98 29.73 11.12
N THR B 115 1.02 30.61 11.18
CA THR B 115 -0.29 30.18 11.78
C THR B 115 -1.29 30.06 10.66
N PHE B 116 -2.17 29.07 10.66
CA PHE B 116 -3.21 28.95 9.62
C PHE B 116 -4.39 28.25 10.30
N THR B 117 -5.55 28.20 9.64
CA THR B 117 -6.77 27.65 10.19
C THR B 117 -7.21 26.40 9.44
N VAL B 118 -7.75 25.42 10.13
CA VAL B 118 -8.27 24.21 9.44
C VAL B 118 -9.77 24.24 9.74
N TRP B 119 -10.56 24.15 8.71
CA TRP B 119 -12.00 24.12 8.78
C TRP B 119 -12.54 22.72 8.48
N ARG B 120 -13.69 22.38 9.01
CA ARG B 120 -14.34 21.07 8.95
C ARG B 120 -15.86 21.25 9.02
N THR B 121 -16.64 20.54 8.20
CA THR B 121 -18.07 20.51 8.17
C THR B 121 -18.54 19.15 8.70
N VAL B 122 -19.87 18.94 8.73
CA VAL B 122 -20.41 17.63 9.06
C VAL B 122 -19.86 16.57 8.07
N HIS B 123 -19.41 16.94 6.88
CA HIS B 123 -18.83 15.93 5.95
C HIS B 123 -17.32 15.80 6.09
N GLY B 124 -16.56 16.42 6.98
CA GLY B 124 -15.11 16.22 7.00
C GLY B 124 -14.33 17.53 6.84
N ASN B 125 -12.99 17.43 6.88
CA ASN B 125 -12.19 18.66 6.73
C ASN B 125 -12.33 19.24 5.34
N ILE B 126 -12.30 20.56 5.27
CA ILE B 126 -12.26 21.30 4.04
C ILE B 126 -10.87 21.20 3.39
N LEU B 127 -10.90 20.82 2.12
CA LEU B 127 -9.75 20.59 1.28
C LEU B 127 -9.34 21.85 0.54
N GLN B 128 -10.33 22.53 -0.02
CA GLN B 128 -10.10 23.75 -0.78
C GLN B 128 -11.46 24.46 -0.92
N THR B 129 -11.33 25.78 -1.09
CA THR B 129 -12.50 26.64 -1.27
C THR B 129 -12.33 27.46 -2.55
N ASP B 130 -13.43 27.57 -3.25
CA ASP B 130 -13.53 28.35 -4.48
C ASP B 130 -14.46 29.49 -4.07
N GLN B 131 -13.78 30.61 -3.77
CA GLN B 131 -14.51 31.80 -3.35
C GLN B 131 -15.27 32.38 -4.56
N THR B 132 -14.85 32.03 -5.75
CA THR B 132 -15.46 32.48 -7.00
C THR B 132 -16.82 31.80 -7.17
N THR B 133 -16.99 30.55 -6.73
CA THR B 133 -18.29 29.92 -6.80
C THR B 133 -18.86 29.67 -5.41
N GLN B 134 -18.27 30.26 -4.38
CA GLN B 134 -18.79 30.08 -3.02
C GLN B 134 -19.05 28.61 -2.74
N THR B 135 -17.97 27.83 -2.86
CA THR B 135 -18.06 26.39 -2.70
C THR B 135 -16.85 25.96 -1.92
N ALA B 136 -17.06 25.15 -0.93
CA ALA B 136 -15.93 24.63 -0.14
C ALA B 136 -15.90 23.12 -0.37
N TYR B 137 -14.79 22.44 -0.60
CA TYR B 137 -14.92 20.96 -0.71
C TYR B 137 -14.54 20.23 0.55
N ALA B 138 -15.48 19.34 1.08
CA ALA B 138 -15.05 18.67 2.29
C ALA B 138 -14.83 17.19 1.94
N LYS B 139 -13.81 16.61 2.48
CA LYS B 139 -13.44 15.23 2.22
C LYS B 139 -14.03 14.31 3.24
N SER B 140 -14.99 13.47 2.80
CA SER B 140 -15.67 12.58 3.72
C SER B 140 -15.12 11.14 3.68
N ARG B 141 -14.61 10.63 4.79
CA ARG B 141 -14.07 9.27 4.83
C ARG B 141 -15.08 8.38 5.51
N ALA B 142 -15.31 7.17 5.02
CA ALA B 142 -16.37 6.34 5.65
C ALA B 142 -15.91 5.79 6.98
N TRP B 143 -14.59 5.81 7.15
CA TRP B 143 -14.01 5.31 8.41
C TRP B 143 -13.85 6.40 9.48
N ASP B 144 -14.24 7.62 9.24
CA ASP B 144 -14.08 8.76 10.16
C ASP B 144 -14.65 8.46 11.55
N GLY B 145 -13.90 8.50 12.64
CA GLY B 145 -14.49 8.11 13.94
C GLY B 145 -14.12 6.67 14.29
N LYS B 146 -13.54 5.90 13.35
CA LYS B 146 -13.17 4.51 13.61
C LYS B 146 -11.69 4.21 13.47
N GLU B 147 -10.81 5.24 13.38
CA GLU B 147 -9.36 4.98 13.21
C GLU B 147 -8.76 4.22 14.38
N VAL B 148 -9.16 4.66 15.61
CA VAL B 148 -8.61 3.93 16.80
C VAL B 148 -9.27 2.55 16.84
N ALA B 149 -10.54 2.35 16.57
CA ALA B 149 -11.13 1.01 16.54
C ALA B 149 -10.40 0.09 15.54
N SER B 150 -9.89 0.62 14.43
CA SER B 150 -9.15 -0.09 13.42
C SER B 150 -7.79 -0.61 13.89
N LEU B 151 -7.07 0.23 14.59
CA LEU B 151 -5.77 -0.21 15.19
C LEU B 151 -6.04 -1.36 16.15
N LEU B 152 -7.09 -1.20 17.00
CA LEU B 152 -7.45 -2.21 17.99
C LEU B 152 -7.92 -3.50 17.34
N ALA B 153 -8.64 -3.42 16.22
CA ALA B 153 -9.10 -4.62 15.52
C ALA B 153 -7.92 -5.40 14.97
N TRP B 154 -6.91 -4.67 14.49
CA TRP B 154 -5.71 -5.31 13.97
C TRP B 154 -4.87 -5.92 15.08
N THR B 155 -5.14 -5.52 16.33
CA THR B 155 -4.38 -6.08 17.46
C THR B 155 -5.21 -7.22 18.00
N HIS B 156 -6.55 -7.02 18.23
CA HIS B 156 -7.33 -8.12 18.79
C HIS B 156 -7.42 -9.33 17.84
N GLN B 157 -7.40 -9.12 16.52
CA GLN B 157 -7.43 -10.22 15.59
C GLN B 157 -6.28 -11.19 15.75
N MET B 158 -5.16 -10.81 16.38
CA MET B 158 -4.03 -11.67 16.57
C MET B 158 -4.41 -12.74 17.62
N LYS B 159 -5.51 -12.57 18.37
CA LYS B 159 -5.95 -13.65 19.28
C LYS B 159 -6.96 -14.61 18.69
N ALA B 160 -7.41 -14.42 17.44
CA ALA B 160 -8.45 -15.29 16.91
C ALA B 160 -7.93 -16.71 16.70
N LYS B 161 -8.79 -17.71 16.90
CA LYS B 161 -8.24 -19.09 16.68
C LYS B 161 -9.04 -19.75 15.58
N ASN B 162 -9.96 -19.06 14.93
CA ASN B 162 -10.75 -19.65 13.83
C ASN B 162 -11.34 -18.53 13.03
N TRP B 163 -11.86 -18.84 11.84
CA TRP B 163 -12.46 -17.91 10.90
C TRP B 163 -13.50 -17.06 11.56
N GLN B 164 -14.38 -17.61 12.38
CA GLN B 164 -15.42 -16.77 12.98
C GLN B 164 -14.91 -15.76 13.99
N GLU B 165 -13.88 -16.09 14.78
CA GLU B 165 -13.36 -15.11 15.73
C GLU B 165 -12.59 -14.03 14.96
N TRP B 166 -11.90 -14.46 13.90
CA TRP B 166 -11.14 -13.47 13.10
C TRP B 166 -12.02 -12.52 12.31
N THR B 167 -13.12 -13.03 11.68
CA THR B 167 -13.98 -12.06 10.96
C THR B 167 -14.75 -11.14 11.87
N GLN B 168 -15.02 -11.60 13.14
CA GLN B 168 -15.57 -10.63 14.10
C GLN B 168 -14.65 -9.42 14.23
N GLN B 169 -13.31 -9.60 14.19
CA GLN B 169 -12.41 -8.45 14.21
C GLN B 169 -12.20 -7.78 12.86
N ALA B 170 -12.19 -8.57 11.78
CA ALA B 170 -12.15 -7.99 10.43
C ALA B 170 -13.27 -6.93 10.30
N ALA B 171 -14.45 -7.25 10.83
CA ALA B 171 -15.61 -6.41 10.87
C ALA B 171 -15.43 -5.09 11.62
N LYS B 172 -14.44 -4.96 12.49
CA LYS B 172 -14.25 -3.71 13.17
C LYS B 172 -13.10 -2.89 12.54
N GLN B 173 -12.37 -3.39 11.54
CA GLN B 173 -11.26 -2.68 10.88
C GLN B 173 -11.95 -1.82 9.79
N ALA B 174 -11.92 -0.49 9.96
CA ALA B 174 -12.68 0.37 9.04
C ALA B 174 -11.98 0.95 7.82
N LEU B 175 -10.65 0.81 7.70
CA LEU B 175 -9.91 1.34 6.54
C LEU B 175 -10.11 0.44 5.30
N THR B 176 -9.68 0.83 4.11
CA THR B 176 -9.92 -0.05 2.97
C THR B 176 -8.78 -1.05 2.82
N ILE B 177 -8.85 -2.24 3.45
CA ILE B 177 -7.71 -3.12 3.42
C ILE B 177 -8.10 -4.59 3.19
N ASN B 178 -7.41 -5.31 2.34
CA ASN B 178 -7.68 -6.74 2.11
C ASN B 178 -7.01 -7.51 3.23
N TRP B 179 -7.73 -8.30 3.99
CA TRP B 179 -7.10 -9.10 5.03
C TRP B 179 -7.18 -10.58 4.64
N TYR B 180 -6.23 -11.43 5.01
CA TYR B 180 -6.16 -12.82 4.61
C TYR B 180 -5.91 -13.68 5.83
N TYR B 181 -6.49 -14.85 5.77
CA TYR B 181 -6.48 -15.81 6.85
C TYR B 181 -6.03 -17.19 6.39
N ALA B 182 -5.26 -17.94 7.12
CA ALA B 182 -4.92 -19.32 6.85
C ALA B 182 -4.85 -20.02 8.22
N ASP B 183 -5.13 -21.33 8.29
CA ASP B 183 -5.06 -21.96 9.65
C ASP B 183 -4.55 -23.39 9.57
N VAL B 184 -4.17 -24.01 10.67
CA VAL B 184 -3.60 -25.33 10.76
C VAL B 184 -4.42 -26.41 10.09
N ASN B 185 -5.73 -26.24 9.94
CA ASN B 185 -6.51 -27.27 9.26
C ASN B 185 -6.51 -27.15 7.75
N GLY B 186 -5.94 -26.07 7.25
CA GLY B 186 -5.75 -25.87 5.80
C GLY B 186 -6.90 -24.99 5.27
N ASN B 187 -7.66 -24.37 6.20
CA ASN B 187 -8.71 -23.46 5.73
C ASN B 187 -8.00 -22.13 5.35
N ILE B 188 -8.52 -21.43 4.35
CA ILE B 188 -7.94 -20.16 3.92
C ILE B 188 -9.10 -19.22 3.71
N GLY B 189 -8.84 -17.91 3.78
CA GLY B 189 -9.96 -16.98 3.66
C GLY B 189 -9.46 -15.54 3.36
N TYR B 190 -10.42 -14.75 2.94
CA TYR B 190 -10.09 -13.36 2.54
C TYR B 190 -11.28 -12.47 2.83
N VAL B 191 -10.99 -11.25 3.25
CA VAL B 191 -12.10 -10.30 3.45
C VAL B 191 -11.51 -8.97 2.99
N HIS B 192 -12.25 -8.31 2.12
CA HIS B 192 -11.96 -6.92 1.73
C HIS B 192 -12.54 -6.06 2.84
N THR B 193 -11.78 -5.86 3.94
CA THR B 193 -12.44 -5.21 5.06
C THR B 193 -12.64 -3.71 4.83
N GLY B 194 -13.33 -3.10 5.78
CA GLY B 194 -13.51 -1.65 5.78
C GLY B 194 -14.93 -1.15 5.86
N ALA B 195 -15.02 0.18 6.06
CA ALA B 195 -16.32 0.85 6.09
C ALA B 195 -16.52 1.48 4.71
N TYR B 196 -17.67 1.25 4.07
CA TYR B 196 -18.10 1.73 2.77
C TYR B 196 -19.45 2.39 3.01
N PRO B 197 -19.66 3.57 2.45
CA PRO B 197 -20.86 4.32 2.67
C PRO B 197 -22.06 3.75 1.96
N ASP B 198 -23.23 3.90 2.52
CA ASP B 198 -24.46 3.51 1.81
C ASP B 198 -24.91 4.77 1.06
N ARG B 199 -24.66 4.83 -0.25
CA ARG B 199 -24.94 6.13 -0.88
C ARG B 199 -26.37 6.21 -1.39
N GLN B 200 -26.86 7.41 -1.50
CA GLN B 200 -28.20 7.66 -1.98
C GLN B 200 -28.23 7.14 -3.43
N SER B 201 -29.40 6.75 -3.89
CA SER B 201 -29.60 6.35 -5.28
C SER B 201 -29.28 7.44 -6.28
N GLY B 202 -28.45 7.17 -7.31
CA GLY B 202 -28.16 8.28 -8.23
C GLY B 202 -26.74 8.85 -8.00
N HIS B 203 -26.17 8.46 -6.84
CA HIS B 203 -24.83 8.95 -6.50
C HIS B 203 -23.67 8.21 -7.20
N ASP B 204 -23.07 8.91 -8.14
CA ASP B 204 -21.91 8.39 -8.91
C ASP B 204 -20.68 8.62 -8.00
N PRO B 205 -20.07 7.60 -7.52
CA PRO B 205 -18.98 7.68 -6.55
C PRO B 205 -17.71 8.18 -7.16
N ARG B 206 -17.57 8.43 -8.45
CA ARG B 206 -16.30 8.95 -8.92
C ARG B 206 -16.31 10.46 -8.85
N LEU B 207 -17.45 11.11 -8.58
CA LEU B 207 -17.45 12.59 -8.64
C LEU B 207 -18.13 13.22 -7.41
N PRO B 208 -17.91 14.48 -7.14
CA PRO B 208 -18.34 15.17 -5.90
C PRO B 208 -19.83 15.20 -5.79
N VAL B 209 -20.34 15.24 -4.54
CA VAL B 209 -21.77 15.36 -4.37
C VAL B 209 -22.13 16.70 -3.69
N PRO B 210 -23.30 17.28 -3.93
CA PRO B 210 -23.72 18.53 -3.28
C PRO B 210 -23.67 18.24 -1.78
N GLY B 211 -23.28 19.17 -0.94
CA GLY B 211 -23.19 18.97 0.51
C GLY B 211 -24.39 19.62 1.23
N THR B 212 -25.40 20.06 0.50
CA THR B 212 -26.57 20.70 1.06
C THR B 212 -27.55 19.80 1.78
N GLY B 213 -27.45 18.47 1.70
CA GLY B 213 -28.18 17.55 2.51
C GLY B 213 -28.79 16.35 1.88
N LYS B 214 -29.34 16.56 0.69
CA LYS B 214 -30.03 15.45 0.00
C LYS B 214 -29.04 14.39 -0.49
N TRP B 215 -27.76 14.69 -0.63
CA TRP B 215 -26.83 13.67 -1.10
C TRP B 215 -25.95 13.08 -0.01
N ASP B 216 -26.25 13.35 1.24
CA ASP B 216 -25.52 12.80 2.35
C ASP B 216 -25.65 11.27 2.30
N TRP B 217 -24.60 10.63 2.76
CA TRP B 217 -24.69 9.17 2.89
C TRP B 217 -25.85 8.79 3.80
N LYS B 218 -26.53 7.66 3.49
CA LYS B 218 -27.58 7.17 4.38
C LYS B 218 -26.97 6.53 5.62
N GLY B 219 -25.69 6.17 5.64
CA GLY B 219 -25.03 5.53 6.75
C GLY B 219 -23.87 4.68 6.18
N LEU B 220 -23.52 3.56 6.80
CA LEU B 220 -22.49 2.70 6.27
C LEU B 220 -23.12 1.38 5.83
N LEU B 221 -22.57 0.70 4.85
CA LEU B 221 -23.10 -0.62 4.49
C LEU B 221 -22.67 -1.60 5.56
N PRO B 222 -23.40 -2.69 5.72
CA PRO B 222 -23.11 -3.69 6.72
C PRO B 222 -21.95 -4.58 6.26
N PHE B 223 -21.41 -5.27 7.24
CA PHE B 223 -20.29 -6.22 6.95
C PHE B 223 -20.63 -7.31 5.98
N GLU B 224 -21.91 -7.74 5.96
CA GLU B 224 -22.43 -8.75 5.02
C GLU B 224 -22.09 -8.24 3.63
N MET B 225 -22.12 -6.95 3.27
CA MET B 225 -21.71 -6.55 1.95
C MET B 225 -20.22 -6.63 1.64
N ASN B 226 -19.35 -6.59 2.64
CA ASN B 226 -17.93 -6.66 2.28
C ASN B 226 -17.59 -7.90 1.50
N PRO B 227 -16.90 -7.77 0.39
CA PRO B 227 -16.47 -8.95 -0.41
C PRO B 227 -15.69 -9.89 0.49
N LYS B 228 -16.02 -11.18 0.46
CA LYS B 228 -15.27 -12.10 1.29
C LYS B 228 -15.46 -13.54 0.76
N VAL B 229 -14.50 -14.35 1.04
CA VAL B 229 -14.57 -15.77 0.65
C VAL B 229 -13.87 -16.64 1.67
N TYR B 230 -14.40 -17.84 1.91
CA TYR B 230 -13.76 -18.81 2.81
C TYR B 230 -13.63 -20.15 2.06
N ASN B 231 -12.44 -20.69 1.95
CA ASN B 231 -12.21 -21.94 1.23
C ASN B 231 -12.81 -21.95 -0.18
N PRO B 232 -12.37 -21.04 -1.03
CA PRO B 232 -12.82 -20.93 -2.41
C PRO B 232 -12.60 -22.26 -3.13
N GLN B 233 -13.42 -22.60 -4.10
CA GLN B 233 -13.33 -23.77 -4.96
C GLN B 233 -12.01 -23.81 -5.69
N SER B 234 -11.41 -22.66 -6.00
CA SER B 234 -10.10 -22.73 -6.70
C SER B 234 -9.02 -23.27 -5.82
N GLY B 235 -9.17 -23.18 -4.50
CA GLY B 235 -8.05 -23.79 -3.68
C GLY B 235 -7.02 -22.68 -3.38
N TYR B 236 -7.23 -21.45 -3.86
CA TYR B 236 -6.22 -20.42 -3.60
C TYR B 236 -6.77 -19.01 -3.55
N ILE B 237 -6.05 -18.10 -2.88
CA ILE B 237 -6.49 -16.68 -2.89
C ILE B 237 -5.32 -15.83 -3.34
N ALA B 238 -5.45 -15.08 -4.44
CA ALA B 238 -4.29 -14.32 -4.90
C ALA B 238 -4.70 -12.85 -5.08
N ASN B 239 -3.78 -11.92 -4.77
CA ASN B 239 -4.18 -10.51 -4.94
C ASN B 239 -2.95 -9.66 -5.25
N TRP B 240 -2.99 -8.70 -6.13
CA TRP B 240 -1.86 -7.80 -6.39
C TRP B 240 -2.39 -6.40 -6.63
N ALA B 241 -3.22 -5.99 -5.69
CA ALA B 241 -3.99 -4.74 -5.69
C ALA B 241 -5.10 -4.77 -6.78
N ASN B 242 -5.54 -5.99 -7.12
CA ASN B 242 -6.59 -6.12 -8.13
C ASN B 242 -7.95 -6.20 -7.47
N SER B 243 -9.01 -6.13 -8.28
CA SER B 243 -10.36 -6.20 -7.70
C SER B 243 -10.61 -7.38 -6.83
N PRO B 244 -11.35 -7.20 -5.75
CA PRO B 244 -11.76 -8.28 -4.89
C PRO B 244 -12.81 -9.23 -5.46
N GLN B 245 -13.74 -8.69 -6.24
CA GLN B 245 -14.93 -9.45 -6.60
C GLN B 245 -15.66 -8.88 -7.77
N LYS B 246 -16.32 -9.75 -8.53
CA LYS B 246 -17.05 -9.25 -9.74
C LYS B 246 -18.05 -8.21 -9.27
N ASP B 247 -18.11 -7.12 -10.04
CA ASP B 247 -18.93 -5.96 -9.92
C ASP B 247 -18.55 -5.04 -8.77
N TYR B 248 -17.48 -5.28 -8.05
CA TYR B 248 -17.06 -4.34 -6.98
C TYR B 248 -16.27 -3.18 -7.56
N PRO B 249 -16.67 -1.94 -7.36
CA PRO B 249 -15.99 -0.71 -7.80
C PRO B 249 -14.71 -0.30 -7.09
N ALA B 250 -13.63 -0.01 -7.84
CA ALA B 250 -12.37 0.48 -7.38
C ALA B 250 -12.46 1.91 -6.79
N SER B 251 -11.39 2.26 -6.12
CA SER B 251 -11.12 3.65 -5.66
C SER B 251 -11.40 4.65 -6.78
N ASP B 252 -11.86 5.88 -6.54
CA ASP B 252 -12.16 6.79 -7.64
C ASP B 252 -10.92 7.49 -8.20
N LEU B 253 -9.70 7.21 -7.79
CA LEU B 253 -8.49 7.84 -8.34
C LEU B 253 -8.51 7.69 -9.88
N PHE B 254 -8.36 8.76 -10.63
CA PHE B 254 -8.38 8.58 -12.09
C PHE B 254 -7.33 7.67 -12.62
N ALA B 255 -6.13 7.61 -12.00
CA ALA B 255 -5.07 6.77 -12.50
C ALA B 255 -5.13 5.33 -11.98
N PHE B 256 -6.19 4.85 -11.40
CA PHE B 256 -6.28 3.54 -10.83
C PHE B 256 -7.43 2.83 -11.51
N LEU B 257 -7.24 1.64 -12.04
CA LEU B 257 -8.34 0.92 -12.66
C LEU B 257 -8.22 -0.57 -12.41
N TRP B 258 -9.36 -1.25 -12.34
CA TRP B 258 -9.39 -2.71 -12.32
C TRP B 258 -10.03 -3.07 -13.68
N GLY B 259 -9.25 -3.65 -14.60
CA GLY B 259 -9.74 -3.92 -15.96
C GLY B 259 -9.18 -5.24 -16.46
N GLY B 260 -9.38 -5.63 -17.76
CA GLY B 260 -8.88 -6.92 -18.18
C GLY B 260 -7.35 -6.99 -18.08
N ALA B 261 -6.62 -5.87 -18.15
CA ALA B 261 -5.18 -6.03 -17.99
C ALA B 261 -4.84 -5.83 -16.48
N ASP B 262 -4.38 -6.82 -15.78
CA ASP B 262 -4.14 -6.71 -14.34
C ASP B 262 -2.88 -7.52 -14.08
N ARG B 263 -1.95 -7.00 -13.26
CA ARG B 263 -0.76 -7.74 -12.99
C ARG B 263 -1.01 -8.95 -12.11
N VAL B 264 -2.20 -9.09 -11.51
CA VAL B 264 -2.43 -10.28 -10.67
C VAL B 264 -2.42 -11.53 -11.53
N THR B 265 -2.73 -11.40 -12.84
CA THR B 265 -2.71 -12.55 -13.72
C THR B 265 -1.36 -13.27 -13.73
N GLU B 266 -0.23 -12.55 -13.59
CA GLU B 266 1.07 -13.17 -13.48
C GLU B 266 1.12 -14.12 -12.27
N ILE B 267 0.40 -13.87 -11.18
CA ILE B 267 0.43 -14.79 -10.02
C ILE B 267 -0.43 -15.98 -10.38
N ASP B 268 -1.62 -15.70 -10.97
CA ASP B 268 -2.49 -16.83 -11.37
C ASP B 268 -1.80 -17.85 -12.24
N ARG B 269 -1.03 -17.38 -13.23
CA ARG B 269 -0.34 -18.27 -14.18
C ARG B 269 0.60 -19.19 -13.42
N LEU B 270 1.32 -18.61 -12.45
CA LEU B 270 2.25 -19.42 -11.66
C LEU B 270 1.54 -20.39 -10.72
N LEU B 271 0.39 -20.04 -10.15
CA LEU B 271 -0.25 -20.96 -9.23
C LEU B 271 -0.99 -22.07 -9.97
N GLU B 272 -1.51 -21.69 -11.14
CA GLU B 272 -2.21 -22.69 -11.94
C GLU B 272 -1.27 -23.55 -12.76
N GLN B 273 -0.01 -23.21 -12.92
CA GLN B 273 0.92 -24.00 -13.72
C GLN B 273 0.96 -25.48 -13.29
N LYS B 274 1.08 -25.72 -11.97
CA LYS B 274 1.18 -27.08 -11.46
C LYS B 274 -0.04 -27.32 -10.55
N PRO B 275 -0.45 -28.59 -10.50
CA PRO B 275 -1.59 -28.98 -9.68
C PRO B 275 -1.41 -28.52 -8.24
N ARG B 276 -0.24 -28.75 -7.65
CA ARG B 276 -0.04 -28.31 -6.24
C ARG B 276 1.33 -27.64 -6.14
N LEU B 277 1.54 -26.79 -5.12
CA LEU B 277 2.75 -26.11 -4.85
C LEU B 277 3.31 -26.47 -3.43
N THR B 278 4.63 -26.73 -3.36
CA THR B 278 5.19 -26.82 -2.01
C THR B 278 5.45 -25.40 -1.50
N ALA B 279 5.85 -25.26 -0.27
CA ALA B 279 6.24 -23.97 0.31
C ALA B 279 7.42 -23.44 -0.49
N ASP B 280 8.41 -24.22 -0.95
CA ASP B 280 9.51 -23.64 -1.72
C ASP B 280 9.06 -23.08 -3.08
N GLN B 281 8.10 -23.79 -3.74
CA GLN B 281 7.55 -23.32 -4.99
C GLN B 281 6.71 -22.05 -4.73
N ALA B 282 5.95 -21.97 -3.69
CA ALA B 282 5.14 -20.81 -3.36
C ALA B 282 6.08 -19.65 -3.04
N TRP B 283 7.19 -19.91 -2.32
CA TRP B 283 8.12 -18.80 -2.05
C TRP B 283 8.79 -18.30 -3.36
N ASP B 284 9.05 -19.24 -4.28
CA ASP B 284 9.62 -18.96 -5.56
C ASP B 284 8.79 -18.05 -6.46
N VAL B 285 7.48 -18.02 -6.22
CA VAL B 285 6.64 -17.02 -6.87
C VAL B 285 7.10 -15.58 -6.66
N ILE B 286 7.69 -15.21 -5.51
CA ILE B 286 8.20 -13.89 -5.24
C ILE B 286 9.31 -13.52 -6.25
N ARG B 287 10.25 -14.44 -6.36
CA ARG B 287 11.37 -14.23 -7.33
C ARG B 287 10.82 -14.05 -8.74
N GLN B 288 9.91 -14.97 -9.13
CA GLN B 288 9.46 -14.80 -10.56
C GLN B 288 8.65 -13.56 -10.81
N THR B 289 7.62 -13.30 -9.95
CA THR B 289 6.86 -12.11 -10.20
C THR B 289 7.71 -10.84 -10.05
N SER B 290 8.72 -10.86 -9.16
CA SER B 290 9.47 -9.62 -8.96
C SER B 290 10.29 -9.27 -10.19
N ARG B 291 10.52 -10.22 -11.08
CA ARG B 291 11.34 -9.91 -12.26
C ARG B 291 10.53 -9.88 -13.53
N GLN B 292 9.22 -10.10 -13.46
CA GLN B 292 8.32 -10.22 -14.61
C GLN B 292 7.89 -8.91 -15.21
N ASP B 293 8.35 -8.56 -16.42
CA ASP B 293 7.85 -7.40 -17.14
C ASP B 293 6.31 -7.66 -17.24
N LEU B 294 5.54 -6.69 -16.87
CA LEU B 294 4.07 -6.84 -16.85
C LEU B 294 3.40 -6.53 -18.19
N ASN B 295 4.09 -5.79 -19.07
CA ASN B 295 3.37 -5.52 -20.37
C ASN B 295 3.51 -6.59 -21.43
N LEU B 296 4.56 -7.42 -21.38
CA LEU B 296 4.77 -8.44 -22.43
C LEU B 296 3.50 -9.19 -22.73
N ARG B 297 2.95 -9.86 -21.73
CA ARG B 297 1.76 -10.69 -21.88
C ARG B 297 0.57 -9.96 -22.51
N LEU B 298 0.38 -8.66 -22.16
CA LEU B 298 -0.70 -7.91 -22.66
C LEU B 298 -0.57 -7.57 -24.14
N PHE B 299 0.64 -7.16 -24.57
CA PHE B 299 0.74 -6.53 -25.86
C PHE B 299 1.47 -7.37 -26.92
N LEU B 300 2.05 -8.44 -26.46
CA LEU B 300 2.74 -9.33 -27.42
C LEU B 300 1.82 -9.86 -28.51
N PRO B 301 0.61 -10.35 -28.22
CA PRO B 301 -0.35 -10.73 -29.23
C PRO B 301 -0.64 -9.69 -30.29
N THR B 302 -0.92 -8.46 -29.95
CA THR B 302 -1.16 -7.37 -30.86
C THR B 302 0.11 -7.11 -31.68
N LEU B 303 1.28 -7.25 -31.04
CA LEU B 303 2.52 -6.99 -31.79
C LEU B 303 2.77 -8.11 -32.78
N GLN B 304 2.50 -9.36 -32.45
CA GLN B 304 2.64 -10.52 -33.33
C GLN B 304 1.65 -10.47 -34.48
N ALA B 305 0.42 -10.01 -34.21
CA ALA B 305 -0.59 -9.84 -35.25
C ALA B 305 -0.22 -8.72 -36.22
N ALA B 306 0.26 -7.55 -35.79
CA ALA B 306 0.59 -6.44 -36.65
C ALA B 306 1.81 -6.77 -37.53
N THR B 307 2.75 -7.58 -37.07
CA THR B 307 3.96 -7.88 -37.81
C THR B 307 3.99 -9.20 -38.56
N SER B 308 2.87 -9.94 -38.45
CA SER B 308 2.87 -11.28 -39.02
C SER B 308 2.96 -11.32 -40.54
N GLY B 309 2.62 -10.31 -41.27
CA GLY B 309 2.88 -10.37 -42.73
C GLY B 309 4.21 -9.78 -43.16
N LEU B 310 5.06 -9.26 -42.27
CA LEU B 310 6.30 -8.57 -42.64
C LEU B 310 7.48 -9.44 -43.05
N THR B 311 8.39 -8.94 -43.91
CA THR B 311 9.52 -9.73 -44.36
C THR B 311 10.49 -9.96 -43.20
N GLN B 312 11.40 -10.92 -43.32
CA GLN B 312 12.35 -11.18 -42.24
C GLN B 312 13.29 -10.06 -41.90
N SER B 313 13.64 -9.27 -42.95
CA SER B 313 14.57 -8.17 -42.73
C SER B 313 13.88 -6.95 -42.20
N ASP B 314 12.57 -6.92 -42.05
CA ASP B 314 11.97 -5.65 -41.54
C ASP B 314 12.33 -5.57 -40.07
N PRO B 315 12.84 -4.48 -39.56
CA PRO B 315 13.20 -4.30 -38.17
C PRO B 315 12.00 -4.28 -37.21
N ARG B 316 10.82 -3.89 -37.72
CA ARG B 316 9.60 -3.84 -36.90
C ARG B 316 9.32 -5.27 -36.47
N ARG B 317 9.41 -6.16 -37.48
CA ARG B 317 9.30 -7.58 -37.29
C ARG B 317 10.41 -8.11 -36.39
N GLN B 318 11.67 -7.81 -36.58
CA GLN B 318 12.72 -8.32 -35.69
C GLN B 318 12.60 -7.84 -34.25
N LEU B 319 12.03 -6.69 -33.95
CA LEU B 319 11.80 -6.33 -32.55
C LEU B 319 10.80 -7.28 -31.91
N VAL B 320 9.72 -7.61 -32.63
CA VAL B 320 8.68 -8.49 -32.08
C VAL B 320 9.18 -9.90 -31.97
N GLU B 321 10.02 -10.44 -32.86
CA GLU B 321 10.59 -11.77 -32.68
C GLU B 321 11.47 -11.82 -31.44
N THR B 322 12.21 -10.78 -31.16
CA THR B 322 13.04 -10.74 -29.95
C THR B 322 12.08 -10.88 -28.74
N LEU B 323 10.91 -10.23 -28.78
CA LEU B 323 9.98 -10.35 -27.66
C LEU B 323 9.36 -11.74 -27.60
N THR B 324 9.04 -12.31 -28.76
CA THR B 324 8.39 -13.62 -28.85
C THR B 324 9.18 -14.74 -28.19
N ARG B 325 10.51 -14.60 -28.26
CA ARG B 325 11.47 -15.57 -27.82
C ARG B 325 11.71 -15.34 -26.30
N TRP B 326 11.15 -14.32 -25.69
CA TRP B 326 11.39 -14.06 -24.28
C TRP B 326 10.24 -14.42 -23.36
N ASP B 327 10.48 -14.88 -22.13
CA ASP B 327 9.36 -15.12 -21.22
C ASP B 327 9.01 -13.89 -20.37
N GLY B 328 9.66 -12.75 -20.55
CA GLY B 328 9.27 -11.52 -19.86
C GLY B 328 10.10 -11.42 -18.57
N ILE B 329 10.93 -12.46 -18.31
CA ILE B 329 11.62 -12.44 -17.00
C ILE B 329 12.94 -11.68 -17.16
N ASN B 330 13.11 -10.59 -16.40
CA ASN B 330 14.37 -9.85 -16.50
C ASN B 330 15.48 -10.42 -15.62
N LEU B 331 16.70 -10.53 -16.10
CA LEU B 331 17.84 -11.06 -15.35
C LEU B 331 19.05 -10.19 -15.52
N LEU B 332 19.83 -9.80 -14.52
CA LEU B 332 20.96 -8.92 -14.79
C LEU B 332 22.06 -9.58 -15.64
N ASN B 333 22.79 -8.83 -16.45
CA ASN B 333 24.01 -9.45 -17.05
C ASN B 333 25.05 -9.46 -15.90
N ASP B 334 26.20 -10.09 -16.06
CA ASP B 334 27.33 -10.06 -15.14
C ASP B 334 27.81 -8.66 -14.79
N ASP B 335 27.64 -7.59 -15.58
CA ASP B 335 28.03 -6.28 -15.10
C ASP B 335 27.25 -5.79 -13.89
N GLY B 336 26.12 -6.38 -13.49
CA GLY B 336 25.39 -5.87 -12.31
C GLY B 336 24.58 -4.61 -12.63
N LYS B 337 24.35 -4.43 -13.97
CA LYS B 337 23.72 -3.18 -14.33
C LYS B 337 22.92 -3.11 -15.61
N THR B 338 23.01 -4.07 -16.50
CA THR B 338 22.14 -4.06 -17.69
C THR B 338 21.37 -5.36 -17.64
N TRP B 339 20.23 -5.43 -18.32
CA TRP B 339 19.45 -6.64 -18.36
C TRP B 339 19.91 -7.49 -19.53
N GLN B 340 19.83 -8.80 -19.42
CA GLN B 340 20.24 -9.71 -20.45
C GLN B 340 19.44 -9.54 -21.73
N GLN B 341 18.19 -9.16 -21.62
CA GLN B 341 17.33 -8.97 -22.79
C GLN B 341 16.86 -7.53 -22.84
N PRO B 342 16.56 -7.06 -24.02
CA PRO B 342 16.20 -5.66 -24.26
C PRO B 342 14.69 -5.42 -24.28
N GLY B 343 13.93 -6.49 -24.04
CA GLY B 343 12.47 -6.49 -24.13
C GLY B 343 11.74 -5.37 -23.35
N SER B 344 12.16 -5.11 -22.12
CA SER B 344 11.47 -4.06 -21.38
C SER B 344 11.71 -2.70 -22.05
N ALA B 345 12.94 -2.37 -22.47
CA ALA B 345 13.11 -1.07 -23.13
C ALA B 345 12.30 -1.07 -24.44
N ILE B 346 12.30 -2.17 -25.20
CA ILE B 346 11.49 -2.19 -26.42
C ILE B 346 10.03 -1.89 -26.05
N LEU B 347 9.46 -2.61 -25.05
CA LEU B 347 8.04 -2.38 -24.70
C LEU B 347 7.78 -1.00 -24.18
N ASN B 348 8.70 -0.40 -23.40
CA ASN B 348 8.59 0.93 -22.85
C ASN B 348 8.52 1.93 -23.99
N VAL B 349 9.48 1.92 -24.92
CA VAL B 349 9.46 2.92 -26.00
C VAL B 349 8.23 2.66 -26.88
N TRP B 350 7.92 1.40 -27.19
CA TRP B 350 6.72 1.17 -28.02
C TRP B 350 5.46 1.68 -27.40
N LEU B 351 5.29 1.32 -26.10
CA LEU B 351 4.10 1.68 -25.35
C LEU B 351 3.98 3.20 -25.23
N THR B 352 5.08 3.89 -24.92
CA THR B 352 5.09 5.35 -24.76
C THR B 352 4.58 5.97 -26.07
N SER B 353 5.04 5.44 -27.21
CA SER B 353 4.68 5.92 -28.51
C SER B 353 3.19 5.54 -28.76
N MET B 354 2.72 4.37 -28.32
CA MET B 354 1.34 3.99 -28.56
C MET B 354 0.37 4.91 -27.77
N LEU B 355 0.72 5.21 -26.52
CA LEU B 355 -0.17 6.04 -25.70
C LEU B 355 -0.27 7.44 -26.27
N LYS B 356 0.85 7.96 -26.77
CA LYS B 356 0.88 9.32 -27.35
C LYS B 356 -0.03 9.41 -28.56
N ARG B 357 -0.08 8.39 -29.34
CA ARG B 357 -0.85 8.31 -30.58
C ARG B 357 -2.31 7.98 -30.27
N THR B 358 -2.66 7.48 -29.09
CA THR B 358 -4.01 6.94 -28.88
C THR B 358 -4.72 7.63 -27.74
N VAL B 359 -4.44 7.15 -26.54
CA VAL B 359 -5.24 7.74 -25.40
C VAL B 359 -4.91 9.18 -25.21
N VAL B 360 -3.61 9.50 -25.23
CA VAL B 360 -3.14 10.86 -24.99
C VAL B 360 -3.83 11.82 -25.92
N ALA B 361 -3.89 11.46 -27.21
CA ALA B 361 -4.46 12.25 -28.26
C ALA B 361 -5.96 12.38 -28.04
N ALA B 362 -6.66 11.45 -27.42
CA ALA B 362 -8.12 11.63 -27.22
C ALA B 362 -8.50 12.49 -26.04
N VAL B 363 -7.54 12.77 -25.15
CA VAL B 363 -7.82 13.53 -23.94
C VAL B 363 -7.30 14.95 -24.03
N PRO B 364 -8.18 15.91 -23.72
CA PRO B 364 -7.85 17.31 -23.72
C PRO B 364 -6.72 17.69 -22.76
N MET B 365 -5.90 18.64 -23.16
CA MET B 365 -4.81 19.08 -22.23
C MET B 365 -5.48 19.88 -21.11
N PRO B 366 -4.96 19.80 -19.91
CA PRO B 366 -3.72 19.12 -19.56
C PRO B 366 -3.87 17.73 -19.02
N PHE B 367 -5.12 17.25 -19.10
CA PHE B 367 -5.43 15.94 -18.57
C PHE B 367 -4.73 14.91 -19.45
N ASP B 368 -4.41 15.14 -20.72
CA ASP B 368 -3.69 14.14 -21.52
C ASP B 368 -2.47 13.54 -20.86
N LYS B 369 -1.64 14.36 -20.19
CA LYS B 369 -0.48 13.85 -19.48
C LYS B 369 -0.89 12.81 -18.45
N TRP B 370 -2.13 12.66 -17.95
CA TRP B 370 -2.39 11.55 -17.02
C TRP B 370 -2.32 10.21 -17.73
N TYR B 371 -2.47 10.13 -19.06
CA TYR B 371 -2.51 8.83 -19.70
C TYR B 371 -1.27 8.53 -20.53
N SER B 372 -0.18 9.26 -20.37
CA SER B 372 0.99 9.13 -21.23
C SER B 372 2.12 8.28 -20.64
N ALA B 373 1.99 7.97 -19.37
CA ALA B 373 2.99 7.17 -18.68
C ALA B 373 2.93 5.73 -19.20
N SER B 374 4.06 5.11 -19.41
CA SER B 374 4.09 3.73 -19.89
C SER B 374 4.14 2.73 -18.74
N GLY B 375 4.46 3.27 -17.54
CA GLY B 375 4.64 2.41 -16.38
C GLY B 375 6.10 2.07 -16.07
N TYR B 376 7.02 2.54 -16.90
CA TYR B 376 8.44 2.23 -16.65
C TYR B 376 9.24 3.41 -16.10
N GLU B 377 8.63 4.54 -15.86
CA GLU B 377 9.25 5.74 -15.33
C GLU B 377 9.94 5.57 -13.97
N THR B 378 11.25 5.91 -13.93
CA THR B 378 11.97 5.76 -12.69
C THR B 378 13.15 6.77 -12.62
N THR B 379 13.64 6.93 -11.39
CA THR B 379 14.87 7.68 -11.16
C THR B 379 16.07 6.75 -11.20
N GLN B 380 17.27 7.34 -11.01
CA GLN B 380 18.46 6.46 -10.98
C GLN B 380 18.48 5.80 -9.61
N ASP B 381 17.70 6.26 -8.63
CA ASP B 381 17.53 5.40 -7.43
C ASP B 381 16.57 4.22 -7.64
N GLY B 382 15.90 4.17 -8.79
CA GLY B 382 14.98 3.08 -9.07
C GLY B 382 13.57 3.36 -8.57
N PRO B 383 12.64 2.49 -8.92
CA PRO B 383 11.23 2.71 -8.62
C PRO B 383 11.09 2.96 -7.11
N THR B 384 10.27 3.92 -6.69
CA THR B 384 9.94 4.25 -5.33
C THR B 384 8.91 3.24 -4.81
N GLY B 385 8.18 2.46 -5.66
CA GLY B 385 7.32 1.41 -5.10
C GLY B 385 7.24 0.20 -6.02
N SER B 386 6.08 -0.43 -6.09
CA SER B 386 5.79 -1.50 -7.03
C SER B 386 5.69 -0.90 -8.46
N LEU B 387 5.95 -1.79 -9.41
CA LEU B 387 5.66 -1.52 -10.79
C LEU B 387 4.28 -2.09 -11.09
N ASN B 388 3.55 -1.33 -11.92
CA ASN B 388 2.21 -1.77 -12.35
C ASN B 388 2.05 -1.48 -13.86
N ILE B 389 0.97 -1.98 -14.43
CA ILE B 389 0.53 -1.62 -15.78
C ILE B 389 0.01 -0.22 -15.62
N SER B 390 0.48 0.73 -16.45
CA SER B 390 -0.12 2.09 -16.29
C SER B 390 -1.58 2.16 -16.66
N VAL B 391 -2.20 3.27 -16.15
CA VAL B 391 -3.60 3.57 -16.40
C VAL B 391 -3.80 3.70 -17.93
N GLY B 392 -2.85 4.33 -18.64
CA GLY B 392 -3.13 4.45 -20.08
C GLY B 392 -2.99 3.13 -20.79
N ALA B 393 -2.03 2.33 -20.31
CA ALA B 393 -1.84 1.02 -20.96
C ALA B 393 -3.07 0.15 -20.63
N LYS B 394 -3.72 0.31 -19.43
CA LYS B 394 -4.89 -0.54 -19.22
C LYS B 394 -6.02 -0.13 -20.19
N ILE B 395 -6.13 1.18 -20.48
CA ILE B 395 -7.17 1.65 -21.37
C ILE B 395 -6.86 1.21 -22.81
N LEU B 396 -5.62 1.27 -23.23
CA LEU B 396 -5.18 0.85 -24.57
C LEU B 396 -5.39 -0.66 -24.70
N TYR B 397 -5.22 -1.42 -23.60
CA TYR B 397 -5.49 -2.88 -23.65
C TYR B 397 -6.95 -3.13 -23.98
N GLU B 398 -7.87 -2.32 -23.41
CA GLU B 398 -9.29 -2.52 -23.84
C GLU B 398 -9.47 -2.27 -25.31
N ALA B 399 -8.91 -1.12 -25.81
CA ALA B 399 -9.09 -0.80 -27.23
C ALA B 399 -8.56 -1.85 -28.17
N VAL B 400 -7.36 -2.37 -27.90
CA VAL B 400 -6.73 -3.41 -28.73
C VAL B 400 -7.41 -4.76 -28.55
N GLN B 401 -8.27 -4.93 -27.56
CA GLN B 401 -9.14 -6.10 -27.45
C GLN B 401 -10.37 -6.01 -28.35
N GLY B 402 -10.65 -4.86 -28.96
CA GLY B 402 -11.81 -4.69 -29.80
C GLY B 402 -13.11 -5.08 -29.08
N ASP B 403 -13.92 -5.89 -29.79
CA ASP B 403 -15.22 -6.25 -29.19
C ASP B 403 -15.13 -7.45 -28.29
N LYS B 404 -13.95 -7.92 -27.89
CA LYS B 404 -13.72 -8.74 -26.75
C LYS B 404 -13.87 -7.86 -25.48
N SER B 405 -13.70 -6.56 -25.50
CA SER B 405 -13.79 -5.66 -24.35
C SER B 405 -15.26 -5.30 -24.04
N PRO B 406 -15.66 -5.34 -22.79
CA PRO B 406 -16.98 -4.94 -22.33
C PRO B 406 -17.04 -3.44 -22.19
N ILE B 407 -15.99 -2.65 -22.49
CA ILE B 407 -16.08 -1.20 -22.26
C ILE B 407 -16.38 -0.53 -23.59
N PRO B 408 -17.51 0.12 -23.73
CA PRO B 408 -17.90 0.81 -24.98
C PRO B 408 -16.78 1.78 -25.33
N GLN B 409 -16.26 1.72 -26.56
CA GLN B 409 -15.22 2.63 -27.01
C GLN B 409 -15.99 3.83 -27.57
N ALA B 410 -16.36 4.77 -26.69
CA ALA B 410 -17.11 5.94 -27.02
C ALA B 410 -16.28 6.75 -28.03
N VAL B 411 -14.99 6.82 -27.81
CA VAL B 411 -14.10 7.44 -28.78
C VAL B 411 -13.15 6.36 -29.34
N ASP B 412 -13.06 6.24 -30.67
CA ASP B 412 -12.14 5.27 -31.24
C ASP B 412 -10.73 5.78 -30.89
N LEU B 413 -9.96 5.11 -30.05
CA LEU B 413 -8.63 5.68 -29.75
C LEU B 413 -7.70 5.65 -30.96
N PHE B 414 -7.96 4.78 -31.93
CA PHE B 414 -7.14 4.72 -33.15
C PHE B 414 -7.63 5.68 -34.22
N ALA B 415 -8.57 6.54 -33.90
CA ALA B 415 -9.15 7.59 -34.69
C ALA B 415 -9.43 7.22 -36.14
N GLY B 416 -10.15 6.17 -36.44
CA GLY B 416 -10.43 5.87 -37.83
C GLY B 416 -9.32 5.07 -38.51
N LYS B 417 -8.11 4.95 -37.94
CA LYS B 417 -7.10 4.17 -38.64
C LYS B 417 -7.13 2.72 -38.19
N PRO B 418 -6.68 1.82 -39.03
CA PRO B 418 -6.45 0.44 -38.68
C PRO B 418 -5.45 0.41 -37.53
N GLN B 419 -5.78 -0.43 -36.55
CA GLN B 419 -4.90 -0.57 -35.37
C GLN B 419 -3.51 -1.02 -35.80
N GLN B 420 -3.41 -1.94 -36.73
CA GLN B 420 -2.16 -2.44 -37.22
C GLN B 420 -1.23 -1.32 -37.68
N GLU B 421 -1.80 -0.38 -38.42
CA GLU B 421 -0.99 0.74 -38.86
C GLU B 421 -0.43 1.47 -37.61
N VAL B 422 -1.24 1.75 -36.59
CA VAL B 422 -0.73 2.49 -35.42
C VAL B 422 0.33 1.67 -34.71
N VAL B 423 0.06 0.38 -34.51
CA VAL B 423 1.08 -0.49 -33.88
C VAL B 423 2.38 -0.46 -34.67
N LEU B 424 2.29 -0.63 -36.00
CA LEU B 424 3.50 -0.63 -36.84
C LEU B 424 4.19 0.74 -36.80
N ALA B 425 3.42 1.86 -36.73
CA ALA B 425 4.13 3.16 -36.67
C ALA B 425 4.87 3.31 -35.35
N ALA B 426 4.25 2.80 -34.26
CA ALA B 426 4.93 2.85 -32.96
C ALA B 426 6.17 2.01 -32.98
N LEU B 427 6.15 0.89 -33.73
CA LEU B 427 7.29 0.01 -33.85
C LEU B 427 8.44 0.67 -34.63
N GLU B 428 8.07 1.45 -35.61
CA GLU B 428 9.03 2.22 -36.43
C GLU B 428 9.72 3.23 -35.54
N ASP B 429 8.95 3.94 -34.71
CA ASP B 429 9.56 4.83 -33.72
C ASP B 429 10.49 4.10 -32.74
N THR B 430 10.05 2.91 -32.33
CA THR B 430 10.89 2.18 -31.37
C THR B 430 12.20 1.83 -32.02
N TRP B 431 12.19 1.27 -33.23
CA TRP B 431 13.43 0.90 -33.92
C TRP B 431 14.38 2.10 -34.02
N GLU B 432 13.84 3.21 -34.49
CA GLU B 432 14.57 4.45 -34.65
C GLU B 432 15.19 4.93 -33.33
N THR B 433 14.38 5.03 -32.28
CA THR B 433 14.88 5.44 -30.98
C THR B 433 15.95 4.50 -30.47
N LEU B 434 15.63 3.20 -30.46
CA LEU B 434 16.61 2.29 -29.86
C LEU B 434 17.83 2.03 -30.69
N SER B 435 17.71 1.89 -32.01
CA SER B 435 18.86 1.66 -32.88
C SER B 435 19.77 2.88 -32.90
N LYS B 436 19.26 4.04 -32.66
CA LYS B 436 20.05 5.27 -32.55
C LYS B 436 20.88 5.22 -31.27
N ARG B 437 20.32 4.68 -30.20
CA ARG B 437 21.07 4.66 -28.96
C ARG B 437 22.09 3.52 -28.89
N TYR B 438 21.74 2.32 -29.35
CA TYR B 438 22.52 1.13 -29.24
C TYR B 438 23.05 0.52 -30.52
N GLY B 439 22.77 1.00 -31.71
CA GLY B 439 23.27 0.26 -32.90
C GLY B 439 22.15 -0.58 -33.50
N ASN B 440 22.41 -1.17 -34.66
CA ASN B 440 21.47 -2.00 -35.40
C ASN B 440 21.48 -3.50 -35.08
N ASN B 441 22.31 -3.95 -34.21
CA ASN B 441 22.52 -5.35 -33.84
C ASN B 441 21.81 -5.63 -32.50
N VAL B 442 20.51 -5.85 -32.50
CA VAL B 442 19.74 -6.05 -31.26
C VAL B 442 20.35 -6.98 -30.25
N SER B 443 20.95 -8.11 -30.68
CA SER B 443 21.54 -9.05 -29.77
C SER B 443 22.70 -8.43 -29.04
N ASN B 444 23.31 -7.27 -29.36
CA ASN B 444 24.34 -6.94 -28.35
C ASN B 444 23.77 -5.76 -27.52
N TRP B 445 22.49 -5.43 -27.57
CA TRP B 445 21.95 -4.27 -26.87
C TRP B 445 21.95 -4.54 -25.36
N LYS B 446 22.60 -3.74 -24.59
CA LYS B 446 22.73 -3.99 -23.13
C LYS B 446 21.97 -2.84 -22.48
N THR B 447 20.67 -3.07 -22.30
CA THR B 447 19.80 -2.01 -21.79
C THR B 447 19.98 -1.95 -20.30
N PRO B 448 19.79 -0.77 -19.72
CA PRO B 448 19.99 -0.54 -18.30
C PRO B 448 18.92 -1.22 -17.46
N ALA B 449 19.38 -1.79 -16.38
CA ALA B 449 18.43 -2.47 -15.47
C ALA B 449 18.00 -1.41 -14.44
N MET B 450 16.80 -1.61 -13.91
CA MET B 450 16.39 -0.74 -12.81
C MET B 450 17.09 -1.20 -11.56
N ALA B 451 17.40 -0.35 -10.62
CA ALA B 451 18.06 -0.64 -9.35
C ALA B 451 17.07 -0.36 -8.23
N LEU B 452 17.40 -0.78 -6.99
CA LEU B 452 16.53 -0.67 -5.82
C LEU B 452 17.26 0.14 -4.73
N THR B 453 16.55 1.02 -4.02
CA THR B 453 17.14 1.88 -3.01
C THR B 453 16.32 1.88 -1.73
N PHE B 454 16.94 1.57 -0.59
CA PHE B 454 16.36 1.63 0.76
C PHE B 454 16.62 3.08 1.19
N ARG B 455 15.70 3.95 0.95
CA ARG B 455 15.82 5.39 1.20
C ARG B 455 15.89 5.75 2.68
N ALA B 456 16.62 6.79 2.99
CA ALA B 456 16.76 7.29 4.35
C ALA B 456 15.66 8.28 4.77
N ASN B 457 14.84 8.74 3.88
CA ASN B 457 13.64 9.51 4.05
C ASN B 457 12.47 8.50 4.05
N ASN B 458 11.57 8.56 5.03
CA ASN B 458 10.42 7.69 5.07
C ASN B 458 9.50 8.01 3.88
N PHE B 459 8.34 7.32 3.79
CA PHE B 459 7.50 7.48 2.63
C PHE B 459 6.91 8.87 2.48
N PHE B 460 6.85 9.64 3.54
CA PHE B 460 6.35 11.02 3.49
C PHE B 460 7.39 11.95 2.86
N GLY B 461 8.65 11.52 2.65
CA GLY B 461 9.67 12.44 2.09
C GLY B 461 10.47 12.98 3.29
N VAL B 462 10.23 12.50 4.53
CA VAL B 462 10.96 13.05 5.67
C VAL B 462 12.08 12.20 6.22
N PRO B 463 13.25 12.77 6.40
CA PRO B 463 14.40 12.04 6.97
C PRO B 463 14.05 11.16 8.15
N GLN B 464 14.44 9.87 8.18
CA GLN B 464 14.23 9.00 9.31
C GLN B 464 15.56 8.35 9.65
N ALA B 465 16.60 8.94 9.02
CA ALA B 465 17.99 8.54 9.13
C ALA B 465 18.84 9.57 8.39
N ALA B 466 20.15 9.57 8.61
CA ALA B 466 21.04 10.43 7.83
C ALA B 466 21.07 9.90 6.38
N ALA B 467 21.32 10.82 5.45
CA ALA B 467 21.41 10.41 4.03
C ALA B 467 22.45 9.37 3.71
N GLU B 468 23.58 9.21 4.39
CA GLU B 468 24.56 8.17 4.12
C GLU B 468 24.01 6.82 4.58
N GLU B 469 22.87 6.76 5.32
CA GLU B 469 22.35 5.43 5.73
C GLU B 469 21.55 4.78 4.61
N THR B 470 21.37 5.54 3.53
CA THR B 470 20.66 4.95 2.38
C THR B 470 21.43 3.70 1.96
N ARG B 471 20.75 2.63 1.58
CA ARG B 471 21.37 1.41 1.13
C ARG B 471 20.98 1.12 -0.32
N HIS B 472 21.79 0.38 -1.07
CA HIS B 472 21.57 0.34 -2.53
C HIS B 472 21.68 -1.13 -2.93
N GLN B 473 20.80 -1.59 -3.78
CA GLN B 473 20.84 -2.97 -4.26
C GLN B 473 20.82 -2.91 -5.81
N ALA B 474 21.66 -3.69 -6.52
CA ALA B 474 21.73 -3.67 -7.94
C ALA B 474 20.41 -4.02 -8.63
N GLU B 475 19.78 -5.09 -8.16
CA GLU B 475 18.59 -5.61 -8.80
C GLU B 475 17.25 -5.10 -8.28
N TYR B 476 16.57 -4.19 -8.96
CA TYR B 476 15.22 -3.80 -8.64
C TYR B 476 14.37 -5.10 -8.69
N GLN B 477 13.52 -5.32 -7.65
CA GLN B 477 12.65 -6.48 -7.60
C GLN B 477 11.27 -5.98 -7.23
N ASN B 478 10.29 -6.25 -8.06
CA ASN B 478 8.89 -5.82 -7.88
C ASN B 478 8.28 -6.79 -6.85
N ARG B 479 8.69 -6.60 -5.57
CA ARG B 479 8.21 -7.53 -4.53
C ARG B 479 7.89 -6.76 -3.27
N GLY B 480 7.45 -7.47 -2.24
CA GLY B 480 7.19 -6.82 -0.98
C GLY B 480 8.45 -6.18 -0.42
N THR B 481 8.24 -5.07 0.26
CA THR B 481 9.23 -4.39 1.09
C THR B 481 9.76 -5.40 2.11
N GLU B 482 8.85 -6.22 2.65
CA GLU B 482 9.16 -7.38 3.45
C GLU B 482 8.44 -8.56 2.79
N ASN B 483 8.91 -9.77 3.02
CA ASN B 483 8.19 -10.94 2.55
C ASN B 483 8.06 -11.89 3.75
N ASP B 484 6.84 -12.46 3.88
CA ASP B 484 6.75 -13.40 4.99
C ASP B 484 5.99 -14.61 4.46
N MET B 485 6.33 -15.80 4.96
CA MET B 485 5.64 -17.02 4.58
C MET B 485 5.38 -17.82 5.84
N ILE B 486 4.11 -18.32 5.85
CA ILE B 486 3.68 -19.20 6.89
C ILE B 486 3.24 -20.51 6.25
N VAL B 487 3.67 -21.64 6.81
CA VAL B 487 3.25 -22.94 6.32
C VAL B 487 2.48 -23.63 7.40
N PHE B 488 1.29 -24.19 7.10
CA PHE B 488 0.51 -24.86 8.10
C PHE B 488 0.46 -26.37 7.95
N SER B 489 0.54 -27.15 9.02
CA SER B 489 0.57 -28.61 8.96
C SER B 489 1.42 -29.24 7.88
N PRO B 490 2.70 -28.86 7.82
CA PRO B 490 3.70 -29.39 6.93
C PRO B 490 3.76 -30.92 7.12
N THR B 491 3.98 -31.69 6.05
CA THR B 491 4.04 -33.15 6.27
C THR B 491 5.51 -33.47 6.59
N THR B 492 6.42 -32.52 6.44
CA THR B 492 7.84 -32.74 6.65
C THR B 492 8.34 -32.31 8.03
N SER B 493 7.39 -32.00 8.91
CA SER B 493 7.67 -31.54 10.27
C SER B 493 6.46 -31.84 11.14
N ASP B 494 6.69 -31.98 12.47
CA ASP B 494 5.56 -32.21 13.33
C ASP B 494 4.92 -30.92 13.81
N ARG B 495 5.58 -29.79 13.59
N ARG B 495 5.60 -29.81 13.59
CA ARG B 495 5.06 -28.52 14.04
CA ARG B 495 5.07 -28.51 14.05
C ARG B 495 3.81 -28.16 13.26
C ARG B 495 3.79 -28.24 13.28
N PRO B 496 2.80 -27.64 13.95
CA PRO B 496 1.59 -27.21 13.29
C PRO B 496 1.83 -26.06 12.33
N VAL B 497 2.80 -25.19 12.61
CA VAL B 497 3.03 -24.00 11.79
C VAL B 497 4.54 -23.80 11.65
N LEU B 498 5.02 -23.42 10.47
CA LEU B 498 6.43 -22.99 10.30
C LEU B 498 6.29 -21.60 9.63
N ALA B 499 7.24 -20.72 9.88
CA ALA B 499 7.08 -19.35 9.35
C ALA B 499 8.46 -18.72 9.21
N TRP B 500 8.52 -17.92 8.13
CA TRP B 500 9.75 -17.22 7.82
C TRP B 500 9.49 -15.76 7.41
N ASP B 501 10.51 -14.92 7.49
CA ASP B 501 10.41 -13.54 7.01
C ASP B 501 11.76 -12.97 6.73
N VAL B 502 11.76 -11.70 6.31
CA VAL B 502 13.03 -10.99 5.97
C VAL B 502 12.67 -9.50 6.12
N VAL B 503 13.38 -8.83 7.03
CA VAL B 503 13.17 -7.45 7.39
C VAL B 503 14.49 -6.76 7.18
N ALA B 504 14.68 -6.20 6.00
CA ALA B 504 15.96 -5.55 5.69
C ALA B 504 15.78 -4.04 5.66
N PRO B 505 16.84 -3.35 5.99
CA PRO B 505 18.17 -3.87 6.17
C PRO B 505 18.43 -4.74 7.38
N GLY B 506 17.69 -4.57 8.48
CA GLY B 506 17.95 -5.31 9.73
C GLY B 506 16.90 -4.95 10.78
N GLN B 507 16.94 -5.64 11.92
CA GLN B 507 15.93 -5.37 12.95
C GLN B 507 16.18 -3.99 13.55
N SER B 508 17.49 -3.68 13.74
CA SER B 508 17.83 -2.46 14.43
C SER B 508 18.26 -1.31 13.55
N GLY B 509 17.86 -0.08 13.99
CA GLY B 509 18.33 1.10 13.32
C GLY B 509 19.36 1.88 14.16
N PHE B 510 19.74 1.37 15.33
CA PHE B 510 20.55 2.14 16.27
C PHE B 510 22.00 2.30 15.82
N ILE B 511 22.42 3.56 15.92
CA ILE B 511 23.80 3.94 15.71
C ILE B 511 24.28 4.70 16.97
N ALA B 512 25.31 4.18 17.58
CA ALA B 512 25.80 4.83 18.82
C ALA B 512 26.38 6.20 18.48
N PRO B 513 26.52 7.03 19.49
CA PRO B 513 27.06 8.39 19.42
C PRO B 513 28.41 8.41 18.71
N ASP B 514 29.23 7.39 18.97
CA ASP B 514 30.49 7.38 18.23
C ASP B 514 30.36 6.83 16.81
N GLY B 515 29.18 6.49 16.26
CA GLY B 515 29.08 6.05 14.91
C GLY B 515 29.10 4.52 14.79
N THR B 516 29.18 3.82 15.91
CA THR B 516 29.20 2.36 15.84
C THR B 516 27.78 1.81 15.59
N VAL B 517 27.54 1.24 14.44
CA VAL B 517 26.18 0.75 14.09
C VAL B 517 25.87 -0.54 14.85
N ASP B 518 24.59 -0.83 15.11
CA ASP B 518 24.24 -2.02 15.90
C ASP B 518 24.72 -3.28 15.26
N LYS B 519 24.89 -4.39 15.98
CA LYS B 519 25.12 -5.65 15.29
C LYS B 519 23.94 -6.04 14.40
N HIS B 520 22.70 -5.62 14.61
CA HIS B 520 21.60 -6.03 13.74
C HIS B 520 21.15 -4.90 12.82
N TYR B 521 22.10 -4.06 12.38
CA TYR B 521 21.79 -2.90 11.57
C TYR B 521 21.71 -3.25 10.08
N GLU B 522 22.23 -4.32 9.58
CA GLU B 522 22.33 -4.63 8.17
C GLU B 522 22.56 -6.11 7.88
N ASP B 523 22.19 -7.01 8.79
CA ASP B 523 22.40 -8.44 8.64
C ASP B 523 21.22 -9.12 7.93
N GLN B 524 20.28 -8.37 7.36
CA GLN B 524 19.24 -9.03 6.54
C GLN B 524 19.24 -8.46 5.13
N LEU B 525 20.23 -7.61 4.79
CA LEU B 525 20.31 -6.96 3.50
C LEU B 525 20.70 -7.88 2.36
N LYS B 526 21.64 -8.82 2.56
CA LYS B 526 22.02 -9.71 1.50
C LYS B 526 20.95 -10.79 1.33
N MET B 527 20.40 -11.21 2.47
CA MET B 527 19.32 -12.18 2.45
C MET B 527 18.16 -11.67 1.58
N TYR B 528 17.82 -10.37 1.72
CA TYR B 528 16.76 -9.76 0.95
C TYR B 528 17.01 -9.84 -0.56
N GLU B 529 18.26 -9.48 -0.93
CA GLU B 529 18.69 -9.47 -2.30
C GLU B 529 18.63 -10.85 -2.96
N ASN B 530 19.10 -11.87 -2.26
CA ASN B 530 19.13 -13.24 -2.80
C ASN B 530 17.83 -13.99 -2.58
N PHE B 531 16.66 -13.40 -2.30
CA PHE B 531 15.42 -14.17 -2.05
C PHE B 531 15.55 -15.13 -0.88
N GLY B 532 16.43 -14.84 0.11
CA GLY B 532 16.56 -15.69 1.26
C GLY B 532 15.52 -15.30 2.32
N ARG B 533 15.53 -16.00 3.45
CA ARG B 533 14.54 -15.67 4.51
C ARG B 533 15.07 -16.32 5.77
N LYS B 534 14.66 -15.87 6.92
CA LYS B 534 15.08 -16.42 8.22
C LYS B 534 13.86 -16.91 8.99
N SER B 535 14.04 -17.90 9.87
CA SER B 535 12.95 -18.46 10.68
C SER B 535 12.42 -17.43 11.68
N LEU B 536 11.12 -17.40 11.85
CA LEU B 536 10.35 -16.63 12.83
C LEU B 536 10.01 -17.63 13.96
N TRP B 537 10.38 -17.46 15.20
CA TRP B 537 10.09 -18.37 16.26
C TRP B 537 8.79 -17.98 16.98
N LEU B 538 8.03 -18.96 17.49
CA LEU B 538 6.83 -18.65 18.25
C LEU B 538 6.89 -19.20 19.69
N THR B 539 7.28 -20.45 19.87
CA THR B 539 7.20 -21.16 21.12
C THR B 539 8.37 -20.73 21.98
N LYS B 540 8.15 -20.94 23.29
CA LYS B 540 9.19 -20.57 24.27
C LYS B 540 10.44 -21.37 24.03
N GLN B 541 10.32 -22.68 23.78
CA GLN B 541 11.52 -23.51 23.52
C GLN B 541 12.19 -23.08 22.21
N ASP B 542 11.45 -22.79 21.11
CA ASP B 542 12.22 -22.29 19.95
C ASP B 542 12.96 -21.00 20.22
N VAL B 543 12.27 -20.01 20.79
CA VAL B 543 12.88 -18.74 21.14
C VAL B 543 14.11 -18.89 22.03
N GLU B 544 13.97 -19.70 23.09
CA GLU B 544 15.13 -19.87 23.97
C GLU B 544 16.21 -20.62 23.24
N ALA B 545 15.91 -21.50 22.30
CA ALA B 545 17.04 -22.21 21.65
C ALA B 545 17.79 -21.34 20.65
N HIS B 546 17.22 -20.20 20.31
CA HIS B 546 17.82 -19.27 19.33
C HIS B 546 18.06 -17.95 20.02
N LYS B 547 18.12 -17.96 21.34
CA LYS B 547 18.35 -16.72 22.09
C LYS B 547 19.73 -16.08 21.95
N GLU B 548 19.79 -14.76 21.72
CA GLU B 548 21.08 -14.08 21.66
C GLU B 548 21.33 -13.30 22.95
N SER B 549 20.26 -12.72 23.50
CA SER B 549 20.37 -11.91 24.72
C SER B 549 19.03 -11.92 25.39
N GLN B 550 19.01 -11.39 26.60
CA GLN B 550 17.72 -11.26 27.33
C GLN B 550 17.90 -10.21 28.43
N GLU B 551 16.81 -9.59 28.81
CA GLU B 551 16.67 -8.60 29.85
C GLU B 551 15.39 -8.95 30.63
N VAL B 552 15.35 -8.77 31.93
CA VAL B 552 14.16 -8.95 32.75
C VAL B 552 13.94 -7.61 33.45
N LEU B 553 12.76 -7.04 33.29
CA LEU B 553 12.40 -5.79 33.95
C LEU B 553 11.38 -6.10 35.06
N HIS B 554 11.36 -5.21 36.02
CA HIS B 554 10.48 -5.29 37.20
C HIS B 554 9.79 -3.92 37.27
N VAL B 555 8.55 -3.81 36.78
CA VAL B 555 7.88 -2.55 36.69
C VAL B 555 6.51 -2.50 37.32
N GLN B 556 6.24 -1.39 37.97
CA GLN B 556 4.93 -1.12 38.58
C GLN B 556 4.21 -0.01 37.82
N ARG B 557 2.95 -0.27 37.48
CA ARG B 557 2.22 0.78 36.74
C ARG B 557 1.95 1.89 37.78
CA CA C . -15.54 8.53 -4.06
O8 SOX D . 1.63 1.72 -3.34
C7 SOX D . 0.46 1.79 -3.05
N4 SOX D . -0.51 2.76 -3.32
C3 SOX D . -0.41 4.15 -3.65
C11 SOX D . -0.82 4.46 -5.09
O13 SOX D . -1.14 3.64 -5.90
O12 SOX D . -0.78 5.81 -5.30
C2 SOX D . -1.32 4.82 -2.59
C10 SOX D . -2.76 5.14 -3.07
C9 SOX D . -0.74 6.15 -2.07
S1 SOX D . -1.36 3.63 -1.21
C5 SOX D . -1.41 2.20 -2.32
C6 SOX D . -0.48 0.97 -2.19
N14 SOX D . 0.09 0.64 -0.92
C15 SOX D . 0.13 -0.62 -0.43
O16 SOX D . -0.30 -1.67 -0.91
C17 SOX D . 0.80 -0.73 0.94
C18 SOX D . -0.11 -1.49 1.89
C19 SOX D . 0.06 -2.84 2.17
C20 SOX D . -0.72 -3.47 3.14
C21 SOX D . -1.75 -2.75 3.79
C22 SOX D . -1.97 -1.40 3.49
C23 SOX D . -1.12 -0.79 2.56
O5 SOX D . -0.03 3.46 -0.59
#